data_8GTL
#
_entry.id   8GTL
#
_cell.length_a   68.524
_cell.length_b   109.573
_cell.length_c   113.878
_cell.angle_alpha   90.000
_cell.angle_beta   90.000
_cell.angle_gamma   90.000
#
_symmetry.space_group_name_H-M   'P 21 21 21'
#
loop_
_entity.id
_entity.type
_entity.pdbx_description
1 polymer 'cytochrome P450 CYP101D5'
2 non-polymer 'PROTOPORPHYRIN IX CONTAINING FE'
3 water water
#
_entity_poly.entity_id   1
_entity_poly.type   'polypeptide(L)'
_entity_poly.pdbx_seq_one_letter_code
;MSAAEEIHTPRPAHVPADRVVELDMYNPQGIEKGYLEAWTSLQTADLPSMVWTPLNGGHWIATRGELIQDIYCDPDHFSS
HVIFIPKAAGEKYAMVPSKMDPPEHRPYREVVDKGLNLRAIREREPAVRAHAIALIEAFADKGHCDFVEEFSGEFPIRVF
MMMADLPMEDSPKLRAFAAGMTRPEGNTPTEMADALDRANRSFFDYVSPIIDARMGGDGTDILTLSINSQVNGAPMEREK
LLGMVSLLLLAGLDTVTNFLNMTMDYLGRHPDKVRELTENPTEIRRGVEELFRRFPLVAAARMVAHDVERDGVELKQGEM
VLLPTALHGLDPRVNADPWEVDFQRKRPAHSTFGNGPHRCAGLHLARLETTVMLEEWLKRIPTFRVVPGTGPTYHSGVVA
SVDGVRLEW
;
_entity_poly.pdbx_strand_id   A,B
#
loop_
_chem_comp.id
_chem_comp.type
_chem_comp.name
_chem_comp.formula
HEM non-polymer 'PROTOPORPHYRIN IX CONTAINING FE' 'C34 H32 Fe N4 O4'
#
# COMPACT_ATOMS: atom_id res chain seq x y z
N THR A 9 -23.79 1.79 -13.11
CA THR A 9 -23.39 0.39 -13.03
C THR A 9 -23.36 -0.07 -11.57
N PRO A 10 -23.94 -1.24 -11.30
CA PRO A 10 -23.88 -1.79 -9.93
C PRO A 10 -22.44 -2.01 -9.49
N ARG A 11 -22.13 -1.55 -8.29
CA ARG A 11 -20.78 -1.55 -7.76
C ARG A 11 -20.83 -1.13 -6.29
N PRO A 12 -19.83 -1.52 -5.49
CA PRO A 12 -19.81 -1.08 -4.09
C PRO A 12 -19.69 0.44 -3.94
N ALA A 13 -19.69 0.93 -2.71
CA ALA A 13 -19.65 2.37 -2.49
C ALA A 13 -18.24 2.94 -2.56
N HIS A 14 -17.24 2.17 -2.17
CA HIS A 14 -15.87 2.67 -2.14
C HIS A 14 -15.21 2.75 -3.51
N VAL A 15 -15.88 2.34 -4.57
CA VAL A 15 -15.35 2.43 -5.94
C VAL A 15 -16.10 3.53 -6.68
N PRO A 16 -15.40 4.44 -7.35
CA PRO A 16 -16.10 5.50 -8.09
C PRO A 16 -16.74 5.00 -9.37
N ALA A 17 -17.21 5.93 -10.22
CA ALA A 17 -17.80 5.59 -11.50
C ALA A 17 -16.82 5.69 -12.66
N ASP A 18 -15.87 6.61 -12.60
CA ASP A 18 -14.86 6.76 -13.64
C ASP A 18 -13.80 5.66 -13.61
N ARG A 19 -13.85 4.77 -12.61
CA ARG A 19 -12.91 3.67 -12.47
C ARG A 19 -13.57 2.33 -12.77
N VAL A 20 -14.58 2.33 -13.63
CA VAL A 20 -15.35 1.13 -13.95
C VAL A 20 -15.24 0.88 -15.45
N VAL A 21 -14.74 -0.31 -15.81
CA VAL A 21 -14.64 -0.73 -17.20
C VAL A 21 -15.12 -2.17 -17.31
N GLU A 22 -15.86 -2.47 -18.37
CA GLU A 22 -16.33 -3.83 -18.62
C GLU A 22 -15.20 -4.61 -19.29
N LEU A 23 -14.51 -5.45 -18.52
CA LEU A 23 -13.37 -6.20 -19.02
C LEU A 23 -13.38 -7.60 -18.41
N ASP A 24 -13.60 -8.61 -19.25
CA ASP A 24 -13.50 -10.00 -18.83
C ASP A 24 -12.05 -10.44 -18.96
N MET A 25 -11.44 -10.84 -17.83
CA MET A 25 -10.03 -11.23 -17.86
C MET A 25 -9.77 -12.48 -18.70
N TYR A 26 -10.80 -13.30 -18.93
CA TYR A 26 -10.65 -14.49 -19.76
C TYR A 26 -11.05 -14.26 -21.21
N ASN A 27 -11.57 -13.08 -21.53
CA ASN A 27 -11.93 -12.73 -22.90
C ASN A 27 -12.01 -11.21 -23.04
N PRO A 28 -10.88 -10.51 -23.04
CA PRO A 28 -10.92 -9.05 -23.14
C PRO A 28 -11.29 -8.60 -24.54
N GLN A 29 -11.72 -7.33 -24.62
CA GLN A 29 -12.04 -6.75 -25.91
C GLN A 29 -10.78 -6.52 -26.72
N GLY A 30 -10.84 -6.83 -28.02
CA GLY A 30 -9.67 -6.70 -28.87
C GLY A 30 -8.64 -7.78 -28.68
N ILE A 31 -9.02 -8.92 -28.10
CA ILE A 31 -8.07 -10.01 -27.90
C ILE A 31 -7.63 -10.60 -29.25
N GLU A 32 -8.49 -10.50 -30.27
CA GLU A 32 -8.11 -11.00 -31.58
C GLU A 32 -7.10 -10.11 -32.28
N LYS A 33 -6.88 -8.89 -31.79
CA LYS A 33 -5.85 -8.01 -32.31
C LYS A 33 -4.51 -8.20 -31.60
N GLY A 34 -4.49 -8.97 -30.51
CA GLY A 34 -3.26 -9.19 -29.78
C GLY A 34 -3.45 -9.16 -28.27
N TYR A 35 -2.93 -10.18 -27.58
CA TYR A 35 -3.01 -10.21 -26.13
C TYR A 35 -2.32 -9.01 -25.50
N LEU A 36 -1.18 -8.60 -26.06
CA LEU A 36 -0.46 -7.45 -25.52
C LEU A 36 -1.17 -6.14 -25.88
N GLU A 37 -1.67 -6.02 -27.10
CA GLU A 37 -2.35 -4.80 -27.52
C GLU A 37 -3.70 -4.64 -26.84
N ALA A 38 -4.35 -5.74 -26.46
CA ALA A 38 -5.66 -5.65 -25.82
C ALA A 38 -5.55 -5.14 -24.40
N TRP A 39 -4.56 -5.63 -23.65
CA TRP A 39 -4.41 -5.20 -22.26
C TRP A 39 -3.81 -3.81 -22.14
N THR A 40 -2.96 -3.42 -23.09
CA THR A 40 -2.39 -2.07 -23.08
C THR A 40 -3.42 -1.01 -23.44
N SER A 41 -4.64 -1.40 -23.83
CA SER A 41 -5.67 -0.42 -24.13
C SER A 41 -6.06 0.37 -22.90
N LEU A 42 -5.95 -0.22 -21.71
CA LEU A 42 -6.26 0.49 -20.47
C LEU A 42 -5.18 1.50 -20.10
N GLN A 43 -4.06 1.52 -20.81
CA GLN A 43 -3.00 2.49 -20.60
C GLN A 43 -3.07 3.65 -21.58
N THR A 44 -3.41 3.38 -22.84
CA THR A 44 -3.52 4.45 -23.83
C THR A 44 -4.67 5.39 -23.50
N ALA A 45 -5.70 4.91 -22.83
CA ALA A 45 -6.80 5.75 -22.39
C ALA A 45 -6.38 6.55 -21.17
N ASP A 46 -7.31 7.35 -20.65
CA ASP A 46 -7.05 8.21 -19.49
C ASP A 46 -7.66 7.62 -18.23
N LEU A 47 -7.17 6.43 -17.85
CA LEU A 47 -7.72 5.83 -16.65
C LEU A 47 -6.70 5.83 -15.52
N PRO A 48 -7.13 6.15 -14.29
CA PRO A 48 -6.25 6.03 -13.12
C PRO A 48 -5.45 4.75 -13.07
N SER A 49 -4.43 4.72 -12.20
CA SER A 49 -3.57 3.54 -12.07
C SER A 49 -4.31 2.33 -11.52
N MET A 50 -5.51 2.51 -10.99
CA MET A 50 -6.31 1.42 -10.44
C MET A 50 -7.72 1.51 -10.98
N VAL A 51 -8.24 0.39 -11.50
CA VAL A 51 -9.56 0.35 -12.11
C VAL A 51 -10.30 -0.87 -11.58
N TRP A 52 -11.62 -0.85 -11.72
CA TRP A 52 -12.48 -1.90 -11.22
C TRP A 52 -13.41 -2.38 -12.34
N THR A 53 -13.75 -3.67 -12.30
CA THR A 53 -14.62 -4.28 -13.28
C THR A 53 -15.72 -5.07 -12.60
N PRO A 54 -16.93 -5.10 -13.18
CA PRO A 54 -18.02 -5.88 -12.60
C PRO A 54 -18.05 -7.34 -13.03
N LEU A 55 -17.20 -7.74 -13.97
CA LEU A 55 -17.21 -9.12 -14.45
C LEU A 55 -16.44 -10.03 -13.49
N ASN A 56 -16.75 -11.33 -13.58
CA ASN A 56 -16.12 -12.36 -12.76
C ASN A 56 -16.29 -12.06 -11.27
N GLY A 57 -17.51 -11.69 -10.89
CA GLY A 57 -17.80 -11.41 -9.50
C GLY A 57 -17.26 -10.09 -8.98
N GLY A 58 -16.72 -9.25 -9.86
CA GLY A 58 -16.20 -7.96 -9.44
C GLY A 58 -14.81 -8.03 -8.81
N HIS A 59 -13.85 -7.32 -9.39
CA HIS A 59 -12.49 -7.31 -8.87
C HIS A 59 -11.76 -6.09 -9.41
N TRP A 60 -10.75 -5.66 -8.68
CA TRP A 60 -9.92 -4.54 -9.11
C TRP A 60 -8.88 -4.99 -10.12
N ILE A 61 -8.35 -4.03 -10.87
CA ILE A 61 -7.34 -4.30 -11.89
C ILE A 61 -6.28 -3.21 -11.81
N ALA A 62 -5.04 -3.59 -11.52
CA ALA A 62 -3.92 -2.65 -11.50
C ALA A 62 -3.42 -2.43 -12.93
N THR A 63 -3.34 -1.17 -13.34
CA THR A 63 -3.00 -0.83 -14.72
C THR A 63 -1.62 -0.21 -14.89
N ARG A 64 -1.23 0.70 -14.01
CA ARG A 64 0.07 1.33 -14.13
C ARG A 64 1.17 0.38 -13.66
N GLY A 65 2.33 0.49 -14.30
CA GLY A 65 3.45 -0.39 -14.00
C GLY A 65 3.97 -0.29 -12.57
N GLU A 66 4.34 0.92 -12.15
CA GLU A 66 4.93 1.10 -10.83
C GLU A 66 3.98 0.74 -9.70
N LEU A 67 2.68 0.66 -9.97
CA LEU A 67 1.72 0.23 -8.96
C LEU A 67 1.70 -1.28 -8.82
N ILE A 68 1.94 -2.01 -9.91
CA ILE A 68 1.98 -3.47 -9.86
C ILE A 68 3.17 -3.95 -9.03
N GLN A 69 4.34 -3.32 -9.21
CA GLN A 69 5.49 -3.66 -8.37
C GLN A 69 5.21 -3.39 -6.90
N ASP A 70 4.45 -2.34 -6.60
CA ASP A 70 4.17 -1.99 -5.21
C ASP A 70 3.23 -3.01 -4.56
N ILE A 71 2.34 -3.61 -5.34
CA ILE A 71 1.39 -4.57 -4.77
C ILE A 71 2.06 -5.92 -4.55
N TYR A 72 2.91 -6.33 -5.49
CA TYR A 72 3.61 -7.60 -5.35
C TYR A 72 4.48 -7.62 -4.10
N CYS A 73 5.24 -6.54 -3.89
CA CYS A 73 6.14 -6.44 -2.74
C CYS A 73 5.41 -6.06 -1.45
N ASP A 74 4.08 -6.13 -1.43
CA ASP A 74 3.28 -5.81 -0.24
C ASP A 74 2.34 -6.97 0.06
N PRO A 75 2.87 -8.06 0.63
CA PRO A 75 1.99 -9.20 0.96
C PRO A 75 1.18 -9.01 2.22
N ASP A 76 1.46 -7.98 3.03
CA ASP A 76 0.72 -7.79 4.27
C ASP A 76 -0.71 -7.34 3.99
N HIS A 77 -0.89 -6.46 3.01
CA HIS A 77 -2.20 -5.94 2.66
C HIS A 77 -2.77 -6.60 1.42
N PHE A 78 -1.97 -7.40 0.70
CA PHE A 78 -2.42 -8.13 -0.48
C PHE A 78 -2.02 -9.59 -0.25
N SER A 79 -2.95 -10.39 0.27
CA SER A 79 -2.65 -11.76 0.62
C SER A 79 -2.65 -12.66 -0.62
N SER A 80 -1.90 -13.75 -0.52
CA SER A 80 -1.83 -14.75 -1.59
C SER A 80 -2.77 -15.92 -1.34
N HIS A 81 -3.62 -15.85 -0.32
CA HIS A 81 -4.51 -16.96 -0.01
C HIS A 81 -5.52 -17.22 -1.13
N VAL A 82 -5.77 -16.24 -1.99
CA VAL A 82 -6.62 -16.42 -3.16
C VAL A 82 -5.91 -15.75 -4.33
N ILE A 83 -5.46 -16.56 -5.29
CA ILE A 83 -4.71 -16.07 -6.45
C ILE A 83 -5.50 -16.14 -7.74
N PHE A 84 -6.61 -16.87 -7.77
CA PHE A 84 -7.40 -17.03 -8.98
C PHE A 84 -8.65 -16.15 -8.92
N ILE A 85 -9.23 -15.93 -10.10
CA ILE A 85 -10.47 -15.17 -10.25
C ILE A 85 -11.45 -16.07 -11.02
N PRO A 86 -12.71 -16.21 -10.57
CA PRO A 86 -13.42 -15.53 -9.47
C PRO A 86 -12.90 -15.80 -8.07
N LYS A 87 -13.59 -15.24 -7.06
CA LYS A 87 -13.11 -15.29 -5.69
C LYS A 87 -12.99 -16.72 -5.19
N ALA A 88 -14.09 -17.47 -5.23
CA ALA A 88 -14.11 -18.84 -4.73
C ALA A 88 -13.81 -19.87 -5.81
N ALA A 89 -12.81 -19.61 -6.66
CA ALA A 89 -12.47 -20.52 -7.74
C ALA A 89 -11.46 -21.58 -7.32
N GLY A 90 -10.43 -21.18 -6.57
CA GLY A 90 -9.41 -22.12 -6.13
C GLY A 90 -9.44 -22.41 -4.66
N GLU A 91 -10.58 -22.92 -4.17
CA GLU A 91 -10.75 -23.20 -2.75
C GLU A 91 -10.54 -24.70 -2.48
N LYS A 92 -10.29 -25.00 -1.20
CA LYS A 92 -10.01 -26.34 -0.69
C LYS A 92 -8.77 -26.96 -1.34
N TYR A 93 -8.83 -27.21 -2.65
CA TYR A 93 -7.67 -27.66 -3.40
C TYR A 93 -6.75 -26.47 -3.67
N ALA A 94 -5.68 -26.36 -2.91
CA ALA A 94 -4.80 -25.19 -2.94
C ALA A 94 -3.39 -25.62 -3.32
N MET A 95 -2.76 -24.84 -4.19
CA MET A 95 -1.38 -25.09 -4.59
C MET A 95 -0.42 -24.46 -3.59
N VAL A 96 0.77 -25.07 -3.48
CA VAL A 96 1.79 -24.64 -2.53
C VAL A 96 3.08 -24.40 -3.28
N PRO A 97 3.84 -23.32 -2.97
CA PRO A 97 3.56 -22.26 -1.99
C PRO A 97 2.94 -21.03 -2.63
N SER A 98 2.22 -21.18 -3.73
CA SER A 98 1.64 -20.02 -4.40
C SER A 98 0.54 -19.38 -3.55
N LYS A 99 -0.23 -20.20 -2.84
CA LYS A 99 -1.34 -19.71 -2.01
C LYS A 99 -0.94 -19.51 -0.56
N MET A 100 0.35 -19.35 -0.28
CA MET A 100 0.84 -19.15 1.08
C MET A 100 1.41 -17.74 1.25
N ASP A 101 1.42 -17.28 2.49
CA ASP A 101 1.92 -15.97 2.85
C ASP A 101 2.97 -16.11 3.94
N PRO A 102 3.94 -15.18 3.99
CA PRO A 102 4.97 -15.28 5.03
C PRO A 102 4.36 -15.10 6.41
N PRO A 103 4.99 -15.66 7.46
CA PRO A 103 6.22 -16.47 7.44
C PRO A 103 5.99 -17.91 7.02
N GLU A 104 4.76 -18.29 6.69
CA GLU A 104 4.49 -19.65 6.25
C GLU A 104 5.08 -19.93 4.87
N HIS A 105 5.23 -18.88 4.05
CA HIS A 105 5.75 -19.08 2.69
C HIS A 105 7.24 -19.40 2.70
N ARG A 106 7.97 -18.95 3.72
CA ARG A 106 9.43 -19.10 3.71
C ARG A 106 9.88 -20.55 3.70
N PRO A 107 9.43 -21.44 4.59
CA PRO A 107 9.97 -22.81 4.57
C PRO A 107 9.59 -23.61 3.34
N TYR A 108 8.40 -23.36 2.77
CA TYR A 108 7.96 -24.15 1.61
C TYR A 108 8.63 -23.69 0.31
N ARG A 109 9.06 -22.43 0.24
CA ARG A 109 9.83 -22.01 -0.92
C ARG A 109 11.21 -22.64 -0.93
N GLU A 110 11.78 -22.90 0.26
CA GLU A 110 13.08 -23.55 0.32
C GLU A 110 13.06 -24.95 -0.25
N VAL A 111 11.89 -25.59 -0.29
CA VAL A 111 11.78 -26.91 -0.88
C VAL A 111 11.79 -26.81 -2.40
N VAL A 112 11.05 -25.85 -2.96
CA VAL A 112 11.02 -25.68 -4.40
C VAL A 112 12.36 -25.14 -4.90
N ASP A 113 13.01 -24.29 -4.13
CA ASP A 113 14.32 -23.77 -4.52
C ASP A 113 15.44 -24.79 -4.35
N LYS A 114 15.17 -25.94 -3.73
CA LYS A 114 16.22 -26.94 -3.56
C LYS A 114 16.62 -27.57 -4.88
N GLY A 115 15.69 -27.67 -5.83
CA GLY A 115 15.98 -28.28 -7.11
C GLY A 115 15.80 -27.32 -8.28
N LEU A 116 15.32 -26.12 -8.01
CA LEU A 116 15.03 -25.14 -9.05
C LEU A 116 15.89 -23.89 -8.95
N ASN A 117 16.94 -23.91 -8.13
CA ASN A 117 17.83 -22.77 -8.05
C ASN A 117 18.69 -22.69 -9.30
N LEU A 118 19.63 -21.74 -9.31
CA LEU A 118 20.45 -21.53 -10.50
C LEU A 118 21.41 -22.69 -10.71
N ARG A 119 22.01 -23.19 -9.64
CA ARG A 119 23.02 -24.25 -9.76
C ARG A 119 22.40 -25.55 -10.27
N ALA A 120 21.19 -25.88 -9.81
CA ALA A 120 20.55 -27.11 -10.25
C ALA A 120 20.12 -27.02 -11.72
N ILE A 121 19.70 -25.83 -12.17
CA ILE A 121 19.37 -25.66 -13.58
C ILE A 121 20.63 -25.60 -14.43
N ARG A 122 21.73 -25.09 -13.86
CA ARG A 122 22.97 -24.96 -14.62
C ARG A 122 23.62 -26.32 -14.86
N GLU A 123 23.50 -27.26 -13.91
CA GLU A 123 24.05 -28.60 -14.10
C GLU A 123 23.33 -29.39 -15.19
N ARG A 124 22.18 -28.92 -15.65
CA ARG A 124 21.43 -29.53 -16.74
C ARG A 124 21.55 -28.76 -18.05
N GLU A 125 22.37 -27.71 -18.09
CA GLU A 125 22.45 -26.86 -19.28
C GLU A 125 22.87 -27.61 -20.53
N PRO A 126 23.92 -28.46 -20.53
CA PRO A 126 24.24 -29.20 -21.76
C PRO A 126 23.16 -30.19 -22.18
N ALA A 127 22.33 -30.65 -21.24
CA ALA A 127 21.24 -31.56 -21.59
C ALA A 127 20.01 -30.82 -22.09
N VAL A 128 19.79 -29.58 -21.63
CA VAL A 128 18.64 -28.82 -22.09
C VAL A 128 18.83 -28.38 -23.53
N ARG A 129 20.01 -27.81 -23.83
CA ARG A 129 20.30 -27.39 -25.20
C ARG A 129 20.38 -28.57 -26.17
N ALA A 130 20.63 -29.78 -25.65
CA ALA A 130 20.61 -30.96 -26.51
C ALA A 130 19.22 -31.21 -27.07
N HIS A 131 18.18 -30.93 -26.29
CA HIS A 131 16.82 -31.07 -26.80
C HIS A 131 16.54 -30.08 -27.90
N ALA A 132 16.95 -28.82 -27.73
CA ALA A 132 16.73 -27.82 -28.77
C ALA A 132 17.47 -28.18 -30.05
N ILE A 133 18.68 -28.73 -29.92
CA ILE A 133 19.46 -29.10 -31.10
C ILE A 133 18.80 -30.26 -31.84
N ALA A 134 18.43 -31.32 -31.11
CA ALA A 134 17.81 -32.47 -31.73
C ALA A 134 16.42 -32.17 -32.29
N LEU A 135 15.74 -31.15 -31.76
CA LEU A 135 14.41 -30.82 -32.23
C LEU A 135 14.43 -29.90 -33.44
N ILE A 136 15.42 -29.02 -33.55
CA ILE A 136 15.47 -28.07 -34.65
C ILE A 136 15.96 -28.75 -35.92
N GLU A 137 17.02 -29.56 -35.82
CA GLU A 137 17.60 -30.22 -36.98
C GLU A 137 16.66 -31.26 -37.60
N ALA A 138 15.54 -31.56 -36.96
CA ALA A 138 14.57 -32.48 -37.54
C ALA A 138 13.74 -31.81 -38.63
N PHE A 139 13.74 -30.49 -38.69
CA PHE A 139 13.01 -29.75 -39.72
C PHE A 139 13.82 -28.61 -40.34
N ALA A 140 15.07 -28.40 -39.92
CA ALA A 140 15.88 -27.33 -40.49
C ALA A 140 16.17 -27.56 -41.96
N ASP A 141 16.07 -28.80 -42.44
CA ASP A 141 16.35 -29.10 -43.84
C ASP A 141 15.13 -28.85 -44.72
N LYS A 142 13.92 -28.98 -44.16
CA LYS A 142 12.71 -28.84 -44.95
C LYS A 142 12.36 -27.39 -45.27
N GLY A 143 13.05 -26.43 -44.64
CA GLY A 143 12.85 -25.04 -44.95
C GLY A 143 11.65 -24.38 -44.31
N HIS A 144 10.76 -25.17 -43.70
CA HIS A 144 9.58 -24.64 -43.04
C HIS A 144 9.23 -25.57 -41.88
N CYS A 145 8.32 -25.09 -41.02
CA CYS A 145 7.90 -25.87 -39.86
C CYS A 145 6.69 -25.21 -39.23
N ASP A 146 5.89 -26.03 -38.54
CA ASP A 146 4.85 -25.52 -37.65
C ASP A 146 5.49 -25.40 -36.27
N PHE A 147 5.96 -24.19 -35.96
CA PHE A 147 6.78 -23.98 -34.77
C PHE A 147 6.04 -24.37 -33.50
N VAL A 148 4.71 -24.25 -33.49
CA VAL A 148 3.95 -24.55 -32.29
C VAL A 148 3.86 -26.05 -32.05
N GLU A 149 3.85 -26.86 -33.11
CA GLU A 149 3.71 -28.30 -32.99
C GLU A 149 5.01 -29.03 -33.26
N GLU A 150 6.10 -28.32 -33.53
CA GLU A 150 7.40 -28.96 -33.76
C GLU A 150 8.52 -28.43 -32.87
N PHE A 151 8.22 -27.50 -31.96
CA PHE A 151 9.26 -27.02 -31.05
C PHE A 151 8.67 -26.46 -29.77
N SER A 152 7.94 -25.35 -29.86
CA SER A 152 7.44 -24.69 -28.65
C SER A 152 6.45 -25.57 -27.90
N GLY A 153 5.78 -26.48 -28.60
CA GLY A 153 4.89 -27.42 -27.93
C GLY A 153 5.55 -28.76 -27.67
N GLU A 154 6.89 -28.78 -27.73
CA GLU A 154 7.65 -29.99 -27.55
C GLU A 154 8.90 -29.75 -26.72
N PHE A 155 9.67 -28.71 -27.07
CA PHE A 155 10.94 -28.46 -26.38
C PHE A 155 10.79 -28.22 -24.88
N PRO A 156 9.93 -27.30 -24.41
CA PRO A 156 9.83 -27.10 -22.96
C PRO A 156 9.24 -28.30 -22.23
N ILE A 157 8.34 -29.05 -22.86
CA ILE A 157 7.76 -30.22 -22.21
C ILE A 157 8.80 -31.32 -22.03
N ARG A 158 9.54 -31.61 -23.11
CA ARG A 158 10.56 -32.67 -23.03
C ARG A 158 11.64 -32.34 -22.02
N VAL A 159 11.89 -31.06 -21.76
CA VAL A 159 12.90 -30.68 -20.78
C VAL A 159 12.42 -30.97 -19.37
N PHE A 160 11.17 -30.61 -19.06
CA PHE A 160 10.67 -30.80 -17.71
C PHE A 160 10.41 -32.28 -17.41
N MET A 161 10.01 -33.05 -18.41
CA MET A 161 9.80 -34.48 -18.19
C MET A 161 11.13 -35.19 -17.92
N MET A 162 12.21 -34.75 -18.58
CA MET A 162 13.51 -35.31 -18.28
C MET A 162 13.93 -35.04 -16.84
N MET A 163 13.49 -33.91 -16.29
CA MET A 163 13.78 -33.61 -14.90
C MET A 163 12.86 -34.36 -13.94
N ALA A 164 11.62 -34.62 -14.36
CA ALA A 164 10.66 -35.32 -13.51
C ALA A 164 10.31 -36.70 -14.06
N ASP A 165 9.02 -37.01 -14.08
CA ASP A 165 8.57 -38.27 -14.65
C ASP A 165 8.79 -38.29 -16.16
N LEU A 166 8.95 -39.50 -16.71
CA LEU A 166 9.08 -39.72 -18.15
C LEU A 166 7.92 -40.57 -18.66
N PRO A 167 6.69 -40.06 -18.62
CA PRO A 167 5.54 -40.85 -19.08
C PRO A 167 5.37 -40.90 -20.59
N MET A 168 6.32 -40.37 -21.36
CA MET A 168 6.27 -40.35 -22.82
C MET A 168 5.06 -39.53 -23.28
N GLU A 169 4.12 -40.13 -24.01
CA GLU A 169 3.00 -39.45 -24.66
C GLU A 169 1.76 -39.31 -23.78
N ASP A 170 1.78 -39.79 -22.53
CA ASP A 170 0.56 -39.73 -21.75
C ASP A 170 0.43 -38.48 -20.89
N SER A 171 1.52 -37.75 -20.67
CA SER A 171 1.40 -36.49 -19.93
C SER A 171 1.03 -35.35 -20.87
N PRO A 172 1.60 -35.25 -22.08
CA PRO A 172 1.12 -34.24 -23.03
C PRO A 172 -0.37 -34.32 -23.33
N LYS A 173 -0.98 -35.51 -23.27
CA LYS A 173 -2.42 -35.57 -23.37
C LYS A 173 -3.08 -35.01 -22.12
N LEU A 174 -2.43 -35.14 -20.97
CA LEU A 174 -2.91 -34.64 -19.69
C LEU A 174 -2.47 -33.21 -19.41
N ARG A 175 -1.60 -32.63 -20.23
CA ARG A 175 -1.14 -31.26 -20.01
C ARG A 175 -2.29 -30.25 -20.13
N ALA A 176 -3.43 -30.67 -20.68
CA ALA A 176 -4.63 -29.84 -20.69
C ALA A 176 -5.15 -29.56 -19.28
N PHE A 177 -4.67 -30.29 -18.27
CA PHE A 177 -4.99 -29.95 -16.89
C PHE A 177 -4.63 -28.51 -16.56
N ALA A 178 -3.46 -28.05 -17.04
CA ALA A 178 -3.08 -26.67 -16.84
C ALA A 178 -4.01 -25.72 -17.60
N ALA A 179 -4.52 -26.17 -18.76
CA ALA A 179 -5.48 -25.35 -19.50
C ALA A 179 -6.79 -25.19 -18.75
N GLY A 180 -7.14 -26.17 -17.90
CA GLY A 180 -8.34 -26.07 -17.10
C GLY A 180 -8.23 -25.13 -15.92
N MET A 181 -7.00 -24.83 -15.47
CA MET A 181 -6.79 -23.93 -14.36
C MET A 181 -6.58 -22.49 -14.78
N THR A 182 -6.27 -22.24 -16.06
CA THR A 182 -6.05 -20.89 -16.56
C THR A 182 -7.09 -20.45 -17.58
N ARG A 183 -7.94 -21.36 -18.05
CA ARG A 183 -9.01 -21.03 -19.00
C ARG A 183 -10.16 -22.00 -18.81
N PRO A 184 -10.95 -21.84 -17.73
CA PRO A 184 -12.08 -22.74 -17.51
C PRO A 184 -13.25 -22.45 -18.44
N GLU A 185 -14.47 -22.67 -17.96
CA GLU A 185 -15.66 -22.47 -18.78
C GLU A 185 -16.79 -21.84 -17.97
N THR A 188 -20.47 -17.16 -15.88
CA THR A 188 -20.95 -17.19 -14.51
C THR A 188 -19.86 -17.71 -13.58
N PRO A 189 -19.60 -16.98 -12.50
CA PRO A 189 -18.54 -17.40 -11.57
C PRO A 189 -18.78 -18.75 -10.93
N THR A 190 -20.04 -19.20 -10.83
CA THR A 190 -20.34 -20.48 -10.20
C THR A 190 -19.78 -21.63 -11.04
N GLU A 191 -19.94 -21.57 -12.36
CA GLU A 191 -19.44 -22.64 -13.21
C GLU A 191 -17.93 -22.57 -13.38
N MET A 192 -17.35 -21.37 -13.27
CA MET A 192 -15.89 -21.25 -13.33
C MET A 192 -15.23 -21.99 -12.18
N ALA A 193 -15.81 -21.91 -10.98
CA ALA A 193 -15.25 -22.63 -9.84
C ALA A 193 -15.48 -24.13 -9.95
N ASP A 194 -16.68 -24.54 -10.35
CA ASP A 194 -16.96 -25.97 -10.46
C ASP A 194 -16.17 -26.62 -11.59
N ALA A 195 -15.88 -25.88 -12.65
CA ALA A 195 -15.03 -26.40 -13.71
C ALA A 195 -13.57 -26.47 -13.24
N LEU A 196 -13.13 -25.44 -12.49
CA LEU A 196 -11.79 -25.48 -11.93
C LEU A 196 -11.67 -26.49 -10.80
N ASP A 197 -12.79 -26.78 -10.11
CA ASP A 197 -12.78 -27.78 -9.05
C ASP A 197 -12.41 -29.15 -9.61
N ARG A 198 -13.13 -29.60 -10.63
CA ARG A 198 -12.81 -30.89 -11.24
C ARG A 198 -11.51 -30.85 -12.03
N ALA A 199 -11.17 -29.68 -12.58
CA ALA A 199 -9.87 -29.51 -13.23
C ALA A 199 -8.71 -29.61 -12.25
N ASN A 200 -8.95 -29.35 -10.97
CA ASN A 200 -7.90 -29.43 -9.97
C ASN A 200 -7.80 -30.81 -9.33
N ARG A 201 -8.94 -31.45 -9.04
CA ARG A 201 -8.92 -32.74 -8.37
C ARG A 201 -8.64 -33.90 -9.33
N SER A 202 -8.92 -33.74 -10.63
CA SER A 202 -8.64 -34.83 -11.57
C SER A 202 -7.14 -35.06 -11.73
N PHE A 203 -6.32 -34.03 -11.57
CA PHE A 203 -4.88 -34.20 -11.58
C PHE A 203 -4.27 -34.19 -10.18
N PHE A 204 -5.05 -33.80 -9.17
CA PHE A 204 -4.62 -34.00 -7.79
C PHE A 204 -4.59 -35.48 -7.45
N ASP A 205 -5.49 -36.27 -8.05
CA ASP A 205 -5.47 -37.72 -7.91
C ASP A 205 -4.42 -38.37 -8.80
N TYR A 206 -3.98 -37.69 -9.86
CA TYR A 206 -2.95 -38.25 -10.72
C TYR A 206 -1.57 -38.14 -10.09
N VAL A 207 -1.31 -37.09 -9.31
CA VAL A 207 -0.02 -36.91 -8.66
C VAL A 207 0.09 -37.67 -7.34
N SER A 208 -1.02 -38.20 -6.85
CA SER A 208 -1.04 -38.95 -5.59
C SER A 208 -0.25 -40.25 -5.69
N PRO A 209 -0.36 -41.05 -6.76
CA PRO A 209 0.45 -42.28 -6.85
C PRO A 209 1.90 -42.03 -7.19
N ILE A 210 2.34 -40.77 -7.29
CA ILE A 210 3.72 -40.46 -7.63
C ILE A 210 4.47 -40.04 -6.37
N ILE A 211 3.76 -39.45 -5.42
CA ILE A 211 4.42 -38.99 -4.20
C ILE A 211 4.70 -40.16 -3.26
N ASP A 212 3.90 -41.22 -3.31
CA ASP A 212 4.11 -42.34 -2.42
C ASP A 212 5.13 -43.34 -2.95
N ALA A 213 5.17 -43.54 -4.27
CA ALA A 213 6.14 -44.46 -4.87
C ALA A 213 7.53 -43.86 -4.97
N ARG A 214 7.69 -42.57 -4.69
CA ARG A 214 8.99 -41.90 -4.77
C ARG A 214 9.41 -41.32 -3.43
N MET A 215 8.80 -41.77 -2.34
CA MET A 215 9.07 -41.26 -1.00
C MET A 215 10.28 -41.93 -0.35
N GLY A 216 11.08 -42.68 -1.10
CA GLY A 216 12.20 -43.36 -0.51
C GLY A 216 13.55 -42.76 -0.86
N GLY A 217 13.79 -42.48 -2.14
CA GLY A 217 15.04 -41.83 -2.52
C GLY A 217 15.18 -41.77 -4.03
N ASP A 218 16.42 -41.67 -4.49
CA ASP A 218 16.77 -41.62 -5.90
C ASP A 218 16.13 -40.42 -6.60
N ASP A 221 15.87 -37.26 -9.01
CA ASP A 221 14.73 -36.65 -9.67
C ASP A 221 14.54 -35.22 -9.19
N ILE A 222 13.51 -34.55 -9.69
CA ILE A 222 13.30 -33.15 -9.32
C ILE A 222 12.09 -33.05 -8.39
N LEU A 223 11.12 -33.95 -8.57
CA LEU A 223 9.99 -33.99 -7.66
C LEU A 223 10.31 -34.82 -6.42
N THR A 224 11.16 -35.83 -6.56
CA THR A 224 11.59 -36.62 -5.40
C THR A 224 12.41 -35.79 -4.43
N LEU A 225 13.23 -34.88 -4.95
CA LEU A 225 14.01 -34.01 -4.08
C LEU A 225 13.11 -33.08 -3.27
N SER A 226 11.92 -32.79 -3.79
CA SER A 226 10.95 -31.93 -3.09
C SER A 226 10.11 -32.71 -2.10
N ILE A 227 9.70 -33.94 -2.45
CA ILE A 227 8.86 -34.72 -1.55
C ILE A 227 9.65 -35.19 -0.33
N ASN A 228 10.93 -35.51 -0.51
CA ASN A 228 11.74 -35.93 0.62
C ASN A 228 12.28 -34.76 1.44
N SER A 229 12.08 -33.54 1.00
CA SER A 229 12.50 -32.38 1.79
C SER A 229 11.61 -32.22 3.02
N GLN A 230 12.22 -31.80 4.12
CA GLN A 230 11.53 -31.64 5.39
C GLN A 230 11.29 -30.17 5.68
N VAL A 231 10.34 -29.91 6.57
CA VAL A 231 9.96 -28.55 6.95
C VAL A 231 9.83 -28.53 8.47
N ASN A 232 10.75 -27.82 9.15
CA ASN A 232 10.80 -27.74 10.60
C ASN A 232 10.83 -29.13 11.24
N GLY A 233 11.74 -29.97 10.74
CA GLY A 233 11.96 -31.27 11.34
C GLY A 233 10.85 -32.27 11.13
N ALA A 234 10.13 -32.17 10.01
CA ALA A 234 8.99 -33.02 9.72
C ALA A 234 8.62 -32.87 8.25
N PRO A 235 8.15 -33.92 7.58
CA PRO A 235 7.79 -33.77 6.16
C PRO A 235 6.53 -32.93 5.96
N MET A 236 6.18 -32.68 4.71
CA MET A 236 5.04 -31.86 4.38
C MET A 236 3.73 -32.64 4.48
N GLU A 237 2.64 -31.91 4.66
CA GLU A 237 1.33 -32.53 4.76
C GLU A 237 0.88 -32.98 3.37
N ARG A 238 0.07 -34.05 3.34
CA ARG A 238 -0.37 -34.60 2.06
C ARG A 238 -1.08 -33.55 1.21
N GLU A 239 -1.86 -32.68 1.84
CA GLU A 239 -2.51 -31.60 1.09
C GLU A 239 -1.50 -30.56 0.63
N LYS A 240 -0.50 -30.26 1.46
CA LYS A 240 0.53 -29.30 1.09
C LYS A 240 1.68 -29.91 0.31
N LEU A 241 1.81 -31.23 0.30
CA LEU A 241 2.82 -31.90 -0.50
C LEU A 241 2.33 -32.19 -1.91
N LEU A 242 1.05 -32.59 -2.04
CA LEU A 242 0.47 -32.80 -3.36
C LEU A 242 0.28 -31.48 -4.10
N GLY A 243 0.04 -30.39 -3.38
CA GLY A 243 -0.12 -29.11 -4.03
C GLY A 243 1.17 -28.54 -4.57
N MET A 244 2.30 -28.90 -3.96
CA MET A 244 3.58 -28.39 -4.44
C MET A 244 4.01 -29.10 -5.72
N VAL A 245 3.95 -30.44 -5.72
CA VAL A 245 4.32 -31.18 -6.92
C VAL A 245 3.35 -30.89 -8.06
N SER A 246 2.10 -30.56 -7.74
CA SER A 246 1.14 -30.21 -8.78
C SER A 246 1.42 -28.83 -9.37
N LEU A 247 1.95 -27.91 -8.56
CA LEU A 247 2.27 -26.58 -9.07
C LEU A 247 3.46 -26.62 -10.02
N LEU A 248 4.43 -27.50 -9.74
CA LEU A 248 5.60 -27.61 -10.61
C LEU A 248 5.21 -28.06 -12.01
N LEU A 249 4.24 -28.98 -12.10
CA LEU A 249 3.79 -29.44 -13.41
C LEU A 249 2.97 -28.38 -14.14
N LEU A 250 2.31 -27.50 -13.40
CA LEU A 250 1.48 -26.47 -14.02
C LEU A 250 2.34 -25.44 -14.73
N ALA A 251 3.15 -24.69 -13.98
CA ALA A 251 3.94 -23.61 -14.57
C ALA A 251 5.07 -24.16 -15.44
N GLY A 252 5.56 -25.36 -15.14
CA GLY A 252 6.65 -25.92 -15.91
C GLY A 252 6.26 -26.41 -17.29
N LEU A 253 4.97 -26.53 -17.57
CA LEU A 253 4.50 -27.07 -18.85
C LEU A 253 3.62 -26.11 -19.64
N ASP A 254 3.14 -25.02 -19.05
CA ASP A 254 2.19 -24.15 -19.73
C ASP A 254 2.67 -22.71 -19.87
N THR A 255 3.40 -22.19 -18.89
CA THR A 255 3.83 -20.79 -18.91
C THR A 255 5.06 -20.55 -19.77
N VAL A 256 5.61 -21.58 -20.42
CA VAL A 256 6.84 -21.45 -21.19
C VAL A 256 6.57 -21.80 -22.64
N THR A 257 5.68 -22.78 -22.87
CA THR A 257 5.31 -23.13 -24.24
C THR A 257 4.60 -21.98 -24.93
N ASN A 258 3.93 -21.12 -24.17
CA ASN A 258 3.23 -19.97 -24.74
C ASN A 258 4.17 -18.81 -25.01
N PHE A 259 5.23 -18.68 -24.21
CA PHE A 259 6.18 -17.58 -24.40
C PHE A 259 6.97 -17.74 -25.69
N LEU A 260 7.36 -18.97 -26.03
CA LEU A 260 8.13 -19.20 -27.24
C LEU A 260 7.33 -18.88 -28.49
N ASN A 261 6.01 -19.01 -28.44
CA ASN A 261 5.19 -18.73 -29.62
C ASN A 261 5.19 -17.25 -29.96
N MET A 262 4.92 -16.39 -28.97
CA MET A 262 4.81 -14.96 -29.23
C MET A 262 6.15 -14.27 -29.38
N THR A 263 7.26 -14.94 -29.07
CA THR A 263 8.59 -14.35 -29.27
C THR A 263 9.14 -14.65 -30.66
N MET A 264 9.10 -15.91 -31.09
CA MET A 264 9.60 -16.26 -32.41
C MET A 264 8.73 -15.67 -33.52
N ASP A 265 7.44 -15.45 -33.23
CA ASP A 265 6.59 -14.77 -34.20
C ASP A 265 6.97 -13.29 -34.32
N TYR A 266 7.36 -12.68 -33.21
CA TYR A 266 7.82 -11.29 -33.26
C TYR A 266 9.15 -11.18 -34.01
N LEU A 267 10.07 -12.10 -33.74
CA LEU A 267 11.35 -12.10 -34.44
C LEU A 267 11.20 -12.47 -35.90
N GLY A 268 10.14 -13.18 -36.28
CA GLY A 268 9.89 -13.47 -37.68
C GLY A 268 9.36 -12.30 -38.47
N ARG A 269 8.81 -11.29 -37.80
CA ARG A 269 8.36 -10.07 -38.44
C ARG A 269 9.32 -8.91 -38.21
N HIS A 270 10.52 -9.17 -37.69
CA HIS A 270 11.53 -8.15 -37.46
C HIS A 270 12.87 -8.66 -37.93
N PRO A 271 13.13 -8.56 -39.24
CA PRO A 271 14.39 -9.12 -39.78
C PRO A 271 15.64 -8.38 -39.32
N ASP A 272 15.50 -7.16 -38.78
CA ASP A 272 16.66 -6.44 -38.29
C ASP A 272 17.02 -6.83 -36.87
N LYS A 273 16.02 -7.14 -36.05
CA LYS A 273 16.29 -7.53 -34.67
C LYS A 273 17.02 -8.87 -34.61
N VAL A 274 16.66 -9.81 -35.50
CA VAL A 274 17.36 -11.07 -35.56
C VAL A 274 18.77 -10.89 -36.11
N ARG A 275 18.96 -9.92 -37.00
CA ARG A 275 20.29 -9.63 -37.52
C ARG A 275 21.18 -9.01 -36.45
N GLU A 276 20.57 -8.33 -35.46
CA GLU A 276 21.34 -7.79 -34.35
C GLU A 276 21.95 -8.89 -33.49
N LEU A 277 21.27 -10.03 -33.36
CA LEU A 277 21.80 -11.12 -32.55
C LEU A 277 22.77 -12.00 -33.34
N THR A 278 22.59 -12.12 -34.65
CA THR A 278 23.53 -12.90 -35.45
C THR A 278 24.88 -12.23 -35.54
N GLU A 279 24.92 -10.90 -35.58
CA GLU A 279 26.19 -10.18 -35.60
C GLU A 279 26.93 -10.35 -34.27
N ASN A 280 26.25 -10.03 -33.17
CA ASN A 280 26.81 -10.16 -31.82
C ASN A 280 26.09 -11.31 -31.12
N PRO A 281 26.63 -12.53 -31.15
CA PRO A 281 25.95 -13.65 -30.49
C PRO A 281 25.96 -13.57 -28.98
N THR A 282 26.86 -12.80 -28.37
CA THR A 282 26.89 -12.66 -26.93
C THR A 282 25.78 -11.77 -26.40
N GLU A 283 25.10 -11.02 -27.27
CA GLU A 283 23.96 -10.21 -26.85
C GLU A 283 22.74 -11.05 -26.51
N ILE A 284 22.72 -12.32 -26.90
CA ILE A 284 21.60 -13.18 -26.55
C ILE A 284 21.51 -13.36 -25.04
N ARG A 285 22.58 -13.87 -24.44
CA ARG A 285 22.60 -14.09 -23.00
C ARG A 285 22.50 -12.76 -22.25
N ARG A 286 23.20 -11.74 -22.72
CA ARG A 286 23.19 -10.44 -22.07
C ARG A 286 21.88 -9.68 -22.29
N GLY A 287 21.04 -10.14 -23.22
CA GLY A 287 19.77 -9.49 -23.47
C GLY A 287 18.61 -10.47 -23.44
N VAL A 288 18.65 -11.42 -22.53
CA VAL A 288 17.58 -12.41 -22.44
C VAL A 288 16.35 -11.83 -21.76
N GLU A 289 16.53 -11.08 -20.67
CA GLU A 289 15.39 -10.54 -19.94
C GLU A 289 14.72 -9.38 -20.68
N GLU A 290 15.33 -8.88 -21.77
CA GLU A 290 14.63 -7.91 -22.61
C GLU A 290 13.43 -8.54 -23.29
N LEU A 291 13.52 -9.83 -23.64
CA LEU A 291 12.37 -10.52 -24.20
C LEU A 291 11.29 -10.73 -23.15
N PHE A 292 11.68 -10.99 -21.90
CA PHE A 292 10.70 -11.15 -20.84
C PHE A 292 9.98 -9.85 -20.54
N ARG A 293 10.67 -8.70 -20.66
CA ARG A 293 10.00 -7.42 -20.46
C ARG A 293 9.01 -7.15 -21.58
N ARG A 294 9.37 -7.49 -22.82
CA ARG A 294 8.51 -7.19 -23.96
C ARG A 294 7.33 -8.14 -24.08
N PHE A 295 7.49 -9.38 -23.61
CA PHE A 295 6.45 -10.41 -23.79
C PHE A 295 6.12 -11.08 -22.46
N PRO A 296 5.37 -10.40 -21.60
CA PRO A 296 4.81 -11.07 -20.42
C PRO A 296 3.43 -11.62 -20.70
N LEU A 297 3.12 -12.76 -20.07
CA LEU A 297 1.89 -13.49 -20.34
C LEU A 297 1.08 -13.85 -19.11
N VAL A 298 1.64 -13.76 -17.91
CA VAL A 298 0.93 -14.17 -16.69
C VAL A 298 0.14 -12.99 -16.16
N ALA A 299 -1.03 -13.29 -15.57
CA ALA A 299 -1.91 -12.30 -14.98
C ALA A 299 -2.42 -12.84 -13.65
N ALA A 300 -1.53 -12.87 -12.65
CA ALA A 300 -1.91 -13.37 -11.34
C ALA A 300 -2.78 -12.35 -10.61
N ALA A 301 -3.46 -12.83 -9.57
CA ALA A 301 -4.35 -12.00 -8.78
C ALA A 301 -4.01 -12.15 -7.30
N ARG A 302 -4.50 -11.19 -6.51
CA ARG A 302 -4.27 -11.18 -5.08
C ARG A 302 -5.56 -10.81 -4.37
N MET A 303 -5.69 -11.26 -3.13
CA MET A 303 -6.81 -10.91 -2.27
C MET A 303 -6.34 -9.91 -1.23
N VAL A 304 -7.05 -8.78 -1.11
CA VAL A 304 -6.68 -7.76 -0.15
C VAL A 304 -6.92 -8.27 1.26
N ALA A 305 -5.91 -8.12 2.12
CA ALA A 305 -5.99 -8.63 3.49
C ALA A 305 -6.66 -7.63 4.42
N HIS A 306 -6.06 -6.45 4.59
CA HIS A 306 -6.59 -5.40 5.44
C HIS A 306 -7.06 -4.23 4.60
N ASP A 307 -7.91 -3.39 5.18
CA ASP A 307 -8.39 -2.21 4.47
C ASP A 307 -7.23 -1.27 4.20
N VAL A 308 -6.93 -1.07 2.92
CA VAL A 308 -5.82 -0.23 2.49
C VAL A 308 -6.31 0.75 1.43
N GLU A 309 -5.63 1.90 1.35
CA GLU A 309 -5.95 2.93 0.37
C GLU A 309 -4.77 3.08 -0.57
N ARG A 310 -4.94 2.63 -1.81
CA ARG A 310 -3.91 2.73 -2.85
C ARG A 310 -4.49 3.47 -4.04
N ASP A 311 -3.74 4.45 -4.55
CA ASP A 311 -4.13 5.24 -5.72
C ASP A 311 -5.45 5.98 -5.47
N GLY A 312 -5.54 6.62 -4.31
CA GLY A 312 -6.68 7.47 -4.00
C GLY A 312 -8.00 6.77 -3.82
N VAL A 313 -8.01 5.44 -3.70
CA VAL A 313 -9.23 4.68 -3.47
C VAL A 313 -8.96 3.67 -2.37
N GLU A 314 -9.98 3.42 -1.54
CA GLU A 314 -9.85 2.49 -0.42
C GLU A 314 -10.31 1.10 -0.85
N LEU A 315 -9.48 0.10 -0.58
CA LEU A 315 -9.78 -1.29 -0.91
C LEU A 315 -10.24 -2.00 0.34
N LYS A 316 -11.46 -2.51 0.32
CA LYS A 316 -12.05 -3.19 1.47
C LYS A 316 -11.67 -4.66 1.49
N GLN A 317 -11.46 -5.18 2.69
CA GLN A 317 -11.03 -6.56 2.86
C GLN A 317 -12.03 -7.53 2.23
N GLY A 318 -11.51 -8.53 1.52
CA GLY A 318 -12.32 -9.54 0.87
C GLY A 318 -12.41 -9.40 -0.64
N GLU A 319 -11.95 -8.28 -1.19
CA GLU A 319 -12.01 -8.06 -2.63
C GLU A 319 -10.79 -8.66 -3.32
N MET A 320 -10.90 -8.82 -4.63
CA MET A 320 -9.83 -9.35 -5.46
C MET A 320 -9.22 -8.23 -6.30
N VAL A 321 -7.90 -8.24 -6.42
CA VAL A 321 -7.19 -7.29 -7.26
C VAL A 321 -6.38 -8.09 -8.27
N LEU A 322 -6.59 -7.80 -9.56
CA LEU A 322 -5.88 -8.47 -10.63
C LEU A 322 -4.60 -7.71 -10.95
N LEU A 323 -3.52 -8.45 -11.18
CA LEU A 323 -2.22 -7.88 -11.50
C LEU A 323 -1.79 -8.37 -12.88
N PRO A 324 -2.32 -7.77 -13.95
CA PRO A 324 -1.85 -8.14 -15.29
C PRO A 324 -0.43 -7.68 -15.53
N THR A 325 0.52 -8.62 -15.46
CA THR A 325 1.93 -8.29 -15.61
C THR A 325 2.27 -7.76 -16.98
N ALA A 326 1.35 -7.84 -17.95
CA ALA A 326 1.60 -7.26 -19.26
C ALA A 326 1.65 -5.74 -19.23
N LEU A 327 1.07 -5.11 -18.21
CA LEU A 327 1.03 -3.67 -18.10
C LEU A 327 2.20 -3.08 -17.33
N HIS A 328 3.23 -3.88 -17.05
CA HIS A 328 4.43 -3.40 -16.39
C HIS A 328 5.57 -3.19 -17.39
N GLY A 329 5.92 -4.22 -18.16
CA GLY A 329 6.97 -4.07 -19.15
C GLY A 329 6.57 -3.22 -20.34
N LEU A 330 5.28 -3.23 -20.68
CA LEU A 330 4.76 -2.42 -21.77
C LEU A 330 4.22 -1.08 -21.30
N ASP A 331 4.65 -0.61 -20.13
CA ASP A 331 4.20 0.67 -19.60
C ASP A 331 5.12 1.78 -20.08
N PRO A 332 4.62 2.76 -20.84
CA PRO A 332 5.50 3.85 -21.29
C PRO A 332 5.97 4.75 -20.17
N ARG A 333 5.35 4.70 -18.99
CA ARG A 333 5.76 5.55 -17.88
C ARG A 333 7.08 5.09 -17.26
N VAL A 334 7.51 3.86 -17.52
CA VAL A 334 8.75 3.33 -16.97
C VAL A 334 9.77 3.05 -18.06
N ASN A 335 9.35 2.48 -19.18
CA ASN A 335 10.24 2.12 -20.27
C ASN A 335 9.94 3.01 -21.47
N ALA A 336 10.91 3.82 -21.87
CA ALA A 336 10.74 4.69 -23.04
C ALA A 336 10.59 3.84 -24.29
N ASP A 337 9.51 4.08 -25.04
CA ASP A 337 9.15 3.32 -26.23
C ASP A 337 9.09 1.84 -25.87
N PRO A 338 8.04 1.40 -25.18
CA PRO A 338 7.99 0.01 -24.69
C PRO A 338 7.77 -1.01 -25.79
N TRP A 339 7.35 -0.57 -26.98
CA TRP A 339 7.07 -1.53 -28.06
C TRP A 339 8.37 -2.01 -28.70
N GLU A 340 9.34 -1.10 -28.88
CA GLU A 340 10.61 -1.47 -29.47
C GLU A 340 11.44 -2.29 -28.50
N VAL A 341 12.19 -3.27 -29.02
CA VAL A 341 13.04 -4.12 -28.21
C VAL A 341 14.46 -3.56 -28.29
N ASP A 342 14.94 -3.00 -27.18
CA ASP A 342 16.29 -2.45 -27.07
C ASP A 342 17.14 -3.44 -26.26
N PHE A 343 17.94 -4.24 -26.97
CA PHE A 343 18.80 -5.21 -26.29
C PHE A 343 19.88 -4.54 -25.44
N GLN A 344 20.23 -3.29 -25.75
CA GLN A 344 21.24 -2.55 -25.01
C GLN A 344 20.65 -1.61 -23.97
N ARG A 345 19.35 -1.75 -23.66
CA ARG A 345 18.75 -0.91 -22.63
C ARG A 345 19.36 -1.23 -21.28
N LYS A 346 19.54 -0.17 -20.47
CA LYS A 346 20.31 -0.33 -19.23
C LYS A 346 19.45 -0.89 -18.10
N ARG A 347 18.26 -0.35 -17.91
CA ARG A 347 17.38 -0.74 -16.81
C ARG A 347 16.02 -1.13 -17.35
N PRO A 348 15.87 -2.37 -17.81
CA PRO A 348 14.55 -2.87 -18.26
C PRO A 348 13.71 -3.42 -17.11
N ALA A 349 13.05 -2.51 -16.40
CA ALA A 349 12.23 -2.90 -15.25
C ALA A 349 10.96 -3.59 -15.72
N HIS A 350 10.76 -4.83 -15.29
CA HIS A 350 9.61 -5.62 -15.69
C HIS A 350 9.10 -6.41 -14.48
N SER A 351 7.94 -7.05 -14.68
CA SER A 351 7.37 -7.94 -13.68
C SER A 351 6.85 -9.22 -14.31
N THR A 352 7.52 -9.69 -15.37
CA THR A 352 7.10 -10.91 -16.05
C THR A 352 7.14 -12.11 -15.11
N PHE A 353 8.23 -12.23 -14.34
CA PHE A 353 8.38 -13.29 -13.36
C PHE A 353 7.81 -12.91 -11.99
N GLY A 354 6.89 -11.96 -11.95
CA GLY A 354 6.34 -11.50 -10.69
C GLY A 354 7.39 -10.73 -9.89
N ASN A 355 7.03 -10.44 -8.64
CA ASN A 355 7.93 -9.73 -7.75
C ASN A 355 7.56 -10.08 -6.31
N GLY A 356 8.40 -9.66 -5.38
CA GLY A 356 8.20 -9.92 -3.99
C GLY A 356 8.59 -11.33 -3.59
N PRO A 357 7.96 -11.86 -2.54
CA PRO A 357 8.28 -13.23 -2.12
C PRO A 357 7.85 -14.28 -3.13
N HIS A 358 6.78 -14.04 -3.89
CA HIS A 358 6.34 -15.00 -4.90
C HIS A 358 6.99 -14.68 -6.24
N ARG A 359 8.31 -14.84 -6.25
CA ARG A 359 9.10 -14.70 -7.46
C ARG A 359 9.13 -16.03 -8.20
N CYS A 360 9.12 -15.96 -9.53
CA CYS A 360 9.17 -17.18 -10.34
C CYS A 360 10.36 -18.03 -9.96
N ALA A 361 10.11 -19.12 -9.21
CA ALA A 361 11.18 -20.00 -8.79
C ALA A 361 11.91 -20.61 -9.97
N GLY A 362 11.23 -20.74 -11.11
CA GLY A 362 11.84 -21.30 -12.30
C GLY A 362 12.20 -20.25 -13.34
N LEU A 363 12.60 -19.06 -12.89
CA LEU A 363 13.01 -18.03 -13.84
C LEU A 363 14.38 -18.35 -14.43
N HIS A 364 15.25 -19.03 -13.68
CA HIS A 364 16.54 -19.41 -14.24
C HIS A 364 16.41 -20.52 -15.27
N LEU A 365 15.43 -21.41 -15.09
CA LEU A 365 15.13 -22.38 -16.13
C LEU A 365 14.53 -21.70 -17.35
N ALA A 366 13.68 -20.69 -17.13
CA ALA A 366 13.13 -19.93 -18.24
C ALA A 366 14.22 -19.13 -18.95
N ARG A 367 15.15 -18.54 -18.20
CA ARG A 367 16.25 -17.81 -18.82
C ARG A 367 17.18 -18.75 -19.57
N LEU A 368 17.35 -19.98 -19.07
CA LEU A 368 18.24 -20.93 -19.74
C LEU A 368 17.58 -21.54 -20.97
N GLU A 369 16.28 -21.85 -20.88
CA GLU A 369 15.59 -22.46 -22.02
C GLU A 369 15.49 -21.49 -23.20
N THR A 370 15.32 -20.20 -22.93
CA THR A 370 15.22 -19.23 -24.01
C THR A 370 16.59 -18.92 -24.62
N THR A 371 17.66 -18.98 -23.82
CA THR A 371 18.99 -18.73 -24.36
C THR A 371 19.46 -19.89 -25.23
N VAL A 372 19.21 -21.13 -24.79
CA VAL A 372 19.61 -22.28 -25.59
C VAL A 372 18.74 -22.43 -26.83
N MET A 373 17.58 -21.77 -26.87
CA MET A 373 16.77 -21.77 -28.09
C MET A 373 17.36 -20.83 -29.13
N LEU A 374 17.52 -19.55 -28.77
CA LEU A 374 18.04 -18.56 -29.70
C LEU A 374 19.47 -18.87 -30.14
N GLU A 375 20.27 -19.46 -29.24
CA GLU A 375 21.65 -19.75 -29.59
C GLU A 375 21.76 -20.90 -30.59
N GLU A 376 20.82 -21.85 -30.55
CA GLU A 376 20.84 -22.98 -31.46
C GLU A 376 19.92 -22.79 -32.67
N TRP A 377 18.91 -21.94 -32.57
CA TRP A 377 18.06 -21.66 -33.72
C TRP A 377 18.76 -20.76 -34.73
N LEU A 378 19.48 -19.74 -34.25
CA LEU A 378 20.15 -18.79 -35.15
C LEU A 378 21.47 -19.34 -35.69
N LYS A 379 22.11 -20.27 -34.98
CA LYS A 379 23.34 -20.86 -35.50
C LYS A 379 23.07 -21.76 -36.70
N ARG A 380 21.83 -22.22 -36.88
CA ARG A 380 21.46 -23.04 -38.02
C ARG A 380 20.45 -22.37 -38.95
N ILE A 381 19.55 -21.55 -38.42
CA ILE A 381 18.60 -20.82 -39.24
C ILE A 381 18.78 -19.33 -38.94
N PRO A 382 19.75 -18.66 -39.57
CA PRO A 382 19.99 -17.24 -39.27
C PRO A 382 18.85 -16.35 -39.74
N THR A 383 18.39 -16.57 -40.96
CA THR A 383 17.29 -15.81 -41.55
C THR A 383 16.05 -16.68 -41.56
N PHE A 384 14.93 -16.14 -41.09
CA PHE A 384 13.66 -16.85 -41.10
C PHE A 384 12.53 -15.84 -41.11
N ARG A 385 11.38 -16.28 -41.61
CA ARG A 385 10.22 -15.41 -41.73
C ARG A 385 8.97 -16.16 -41.30
N VAL A 386 7.95 -15.39 -40.93
CA VAL A 386 6.64 -15.94 -40.64
C VAL A 386 5.90 -16.17 -41.95
N VAL A 387 5.10 -17.24 -42.00
CA VAL A 387 4.33 -17.52 -43.22
C VAL A 387 3.40 -16.35 -43.50
N PRO A 388 3.43 -15.77 -44.70
CA PRO A 388 2.59 -14.59 -44.98
C PRO A 388 1.10 -14.92 -44.94
N GLY A 389 0.31 -13.93 -44.55
CA GLY A 389 -1.12 -14.11 -44.44
C GLY A 389 -1.58 -14.96 -43.28
N THR A 390 -0.71 -15.24 -42.33
CA THR A 390 -1.05 -16.06 -41.17
C THR A 390 -0.72 -15.30 -39.89
N GLY A 391 -1.40 -15.69 -38.82
CA GLY A 391 -1.18 -15.10 -37.52
C GLY A 391 -1.73 -15.96 -36.40
N PRO A 392 -1.35 -15.66 -35.17
CA PRO A 392 -1.79 -16.46 -34.03
C PRO A 392 -3.21 -16.11 -33.60
N THR A 393 -3.78 -17.02 -32.82
CA THR A 393 -5.09 -16.84 -32.20
C THR A 393 -4.85 -16.71 -30.70
N TYR A 394 -5.21 -15.55 -30.15
CA TYR A 394 -4.89 -15.21 -28.77
C TYR A 394 -6.07 -15.51 -27.86
N HIS A 395 -5.79 -16.20 -26.75
CA HIS A 395 -6.76 -16.46 -25.71
C HIS A 395 -6.15 -16.07 -24.37
N SER A 396 -6.83 -15.21 -23.64
CA SER A 396 -6.32 -14.65 -22.40
C SER A 396 -6.75 -15.53 -21.22
N GLY A 397 -6.49 -15.05 -20.01
CA GLY A 397 -6.80 -15.76 -18.78
C GLY A 397 -5.71 -15.52 -17.76
N VAL A 398 -5.63 -16.44 -16.80
CA VAL A 398 -4.56 -16.36 -15.80
C VAL A 398 -3.20 -16.47 -16.48
N VAL A 399 -3.09 -17.38 -17.44
CA VAL A 399 -1.88 -17.53 -18.24
C VAL A 399 -2.29 -17.51 -19.70
N ALA A 400 -1.69 -16.59 -20.47
CA ALA A 400 -2.02 -16.45 -21.88
C ALA A 400 -1.65 -17.72 -22.65
N SER A 401 -2.57 -18.21 -23.46
CA SER A 401 -2.35 -19.45 -24.22
C SER A 401 -1.66 -19.14 -25.55
N VAL A 402 -2.39 -18.53 -26.48
CA VAL A 402 -1.96 -18.14 -27.83
C VAL A 402 -1.51 -19.36 -28.63
N ASP A 403 -1.91 -19.40 -29.89
CA ASP A 403 -1.63 -20.56 -30.72
C ASP A 403 -1.67 -20.14 -32.19
N GLY A 404 -0.81 -20.75 -32.99
CA GLY A 404 -0.80 -20.49 -34.43
C GLY A 404 0.40 -19.72 -34.90
N VAL A 405 1.57 -20.35 -34.89
CA VAL A 405 2.81 -19.74 -35.37
C VAL A 405 3.39 -20.66 -36.43
N ARG A 406 3.61 -20.12 -37.63
CA ARG A 406 4.18 -20.86 -38.75
C ARG A 406 5.32 -20.05 -39.34
N LEU A 407 6.49 -20.67 -39.48
CA LEU A 407 7.69 -19.98 -39.90
C LEU A 407 8.18 -20.55 -41.22
N GLU A 408 8.92 -19.71 -41.96
CA GLU A 408 9.50 -20.10 -43.24
C GLU A 408 10.91 -19.53 -43.34
N TRP A 409 11.76 -20.21 -44.10
CA TRP A 409 13.12 -19.74 -44.31
C TRP A 409 13.73 -20.41 -45.54
N THR B 9 23.29 8.84 18.33
CA THR B 9 23.35 7.39 18.48
C THR B 9 23.86 6.72 17.21
N PRO B 10 24.74 5.73 17.37
CA PRO B 10 25.24 4.99 16.21
C PRO B 10 24.09 4.31 15.46
N ARG B 11 24.10 4.46 14.14
CA ARG B 11 23.00 3.96 13.34
C ARG B 11 22.98 2.43 13.33
N PRO B 12 21.79 1.83 13.18
CA PRO B 12 21.72 0.36 13.08
C PRO B 12 22.32 -0.17 11.79
N ALA B 13 22.34 -1.50 11.66
CA ALA B 13 22.86 -2.14 10.46
C ALA B 13 21.81 -2.29 9.37
N HIS B 14 20.55 -2.45 9.76
CA HIS B 14 19.47 -2.68 8.80
C HIS B 14 19.03 -1.42 8.07
N VAL B 15 19.63 -0.28 8.37
CA VAL B 15 19.33 0.99 7.70
C VAL B 15 20.51 1.30 6.78
N PRO B 16 20.27 1.66 5.52
CA PRO B 16 21.38 1.98 4.62
C PRO B 16 22.00 3.33 4.94
N ALA B 17 22.86 3.83 4.05
CA ALA B 17 23.47 5.13 4.24
C ALA B 17 22.70 6.24 3.56
N ASP B 18 22.07 5.95 2.42
CA ASP B 18 21.27 6.94 1.71
C ASP B 18 19.93 7.22 2.38
N ARG B 19 19.56 6.48 3.43
CA ARG B 19 18.32 6.68 4.15
C ARG B 19 18.55 7.26 5.54
N VAL B 20 19.63 8.00 5.74
CA VAL B 20 19.98 8.57 7.03
C VAL B 20 20.05 10.08 6.88
N VAL B 21 19.23 10.79 7.64
CA VAL B 21 19.21 12.25 7.64
C VAL B 21 19.13 12.74 9.08
N GLU B 22 19.88 13.79 9.38
CA GLU B 22 19.87 14.40 10.71
C GLU B 22 18.67 15.33 10.80
N LEU B 23 17.61 14.89 11.48
CA LEU B 23 16.37 15.65 11.59
C LEU B 23 15.83 15.49 13.00
N ASP B 24 15.81 16.59 13.75
CA ASP B 24 15.19 16.60 15.07
C ASP B 24 13.70 16.84 14.92
N MET B 25 12.89 15.89 15.40
CA MET B 25 11.44 16.02 15.26
C MET B 25 10.90 17.20 16.04
N TYR B 26 11.61 17.66 17.07
CA TYR B 26 11.20 18.81 17.85
C TYR B 26 11.83 20.11 17.37
N ASN B 27 12.77 20.04 16.43
CA ASN B 27 13.40 21.22 15.85
C ASN B 27 14.03 20.88 14.50
N PRO B 28 13.22 20.62 13.47
CA PRO B 28 13.78 20.28 12.16
C PRO B 28 14.38 21.50 11.48
N GLN B 29 15.19 21.24 10.46
CA GLN B 29 15.78 22.33 9.69
C GLN B 29 14.70 23.03 8.88
N GLY B 30 14.74 24.36 8.86
CA GLY B 30 13.74 25.13 8.16
C GLY B 30 12.40 25.20 8.87
N ILE B 31 12.36 24.89 10.16
CA ILE B 31 11.09 24.96 10.90
C ILE B 31 10.63 26.41 11.03
N GLU B 32 11.56 27.36 11.03
CA GLU B 32 11.21 28.76 11.12
C GLU B 32 10.64 29.32 9.83
N LYS B 33 10.78 28.59 8.72
CA LYS B 33 10.17 28.98 7.45
C LYS B 33 8.76 28.42 7.29
N GLY B 34 8.32 27.56 8.20
CA GLY B 34 7.00 26.96 8.12
C GLY B 34 7.00 25.50 8.51
N TYR B 35 6.12 25.11 9.43
CA TYR B 35 6.05 23.71 9.86
C TYR B 35 5.71 22.79 8.70
N LEU B 36 4.82 23.24 7.81
CA LEU B 36 4.46 22.42 6.65
C LEU B 36 5.59 22.42 5.61
N GLU B 37 6.21 23.58 5.38
CA GLU B 37 7.29 23.65 4.40
C GLU B 37 8.54 22.94 4.89
N ALA B 38 8.73 22.84 6.21
CA ALA B 38 9.91 22.16 6.74
C ALA B 38 9.80 20.64 6.58
N TRP B 39 8.63 20.08 6.86
CA TRP B 39 8.47 18.64 6.73
C TRP B 39 8.32 18.19 5.28
N THR B 40 7.71 19.00 4.43
CA THR B 40 7.61 18.65 3.01
C THR B 40 8.93 18.83 2.27
N SER B 41 9.94 19.44 2.89
CA SER B 41 11.22 19.61 2.22
C SER B 41 11.93 18.29 1.98
N LEU B 42 11.73 17.31 2.86
CA LEU B 42 12.35 16.01 2.68
C LEU B 42 11.65 15.17 1.60
N GLN B 43 10.55 15.66 1.05
CA GLN B 43 9.86 14.96 -0.03
C GLN B 43 10.26 15.52 -1.39
N ASP B 46 10.78 13.03 -5.83
CA ASP B 46 11.11 11.61 -5.94
C ASP B 46 12.26 11.24 -5.00
N LEU B 47 12.02 11.37 -3.71
CA LEU B 47 12.95 11.07 -2.64
C LEU B 47 12.49 9.85 -1.85
N PRO B 48 13.43 8.97 -1.41
CA PRO B 48 13.07 7.79 -0.61
C PRO B 48 11.93 8.00 0.37
N SER B 49 10.88 7.20 0.21
CA SER B 49 9.67 7.32 1.01
C SER B 49 9.87 6.94 2.48
N MET B 50 10.99 6.33 2.84
CA MET B 50 11.26 5.96 4.21
C MET B 50 12.67 6.40 4.58
N VAL B 51 12.79 7.11 5.70
CA VAL B 51 14.08 7.63 6.17
C VAL B 51 14.21 7.36 7.66
N TRP B 52 15.46 7.43 8.13
CA TRP B 52 15.79 7.20 9.53
C TRP B 52 16.66 8.35 10.03
N THR B 53 16.50 8.68 11.31
CA THR B 53 17.27 9.76 11.91
C THR B 53 17.92 9.31 13.20
N PRO B 54 19.13 9.80 13.49
CA PRO B 54 19.79 9.46 14.77
C PRO B 54 19.41 10.36 15.94
N LEU B 55 18.64 11.42 15.70
CA LEU B 55 18.26 12.33 16.76
C LEU B 55 17.11 11.76 17.57
N ASN B 56 16.98 12.25 18.81
CA ASN B 56 15.92 11.82 19.73
C ASN B 56 15.98 10.31 19.97
N GLY B 57 17.19 9.81 20.19
CA GLY B 57 17.40 8.40 20.45
C GLY B 57 17.31 7.50 19.24
N GLY B 58 17.20 8.05 18.03
CA GLY B 58 17.11 7.25 16.83
C GLY B 58 15.73 6.69 16.59
N HIS B 59 15.13 7.02 15.45
CA HIS B 59 13.79 6.55 15.13
C HIS B 59 13.55 6.71 13.64
N TRP B 60 12.64 5.89 13.11
CA TRP B 60 12.26 5.99 11.72
C TRP B 60 11.24 7.10 11.52
N ILE B 61 11.11 7.55 10.27
CA ILE B 61 10.20 8.63 9.91
C ILE B 61 9.48 8.23 8.62
N ALA B 62 8.17 8.10 8.69
CA ALA B 62 7.37 7.81 7.51
C ALA B 62 7.09 9.11 6.75
N THR B 63 7.42 9.12 5.47
CA THR B 63 7.32 10.32 4.65
C THR B 63 6.23 10.26 3.58
N ARG B 64 6.06 9.10 2.95
CA ARG B 64 5.08 8.98 1.88
C ARG B 64 3.66 8.97 2.45
N GLY B 65 2.74 9.58 1.71
CA GLY B 65 1.36 9.70 2.15
C GLY B 65 0.65 8.37 2.37
N GLU B 66 0.55 7.56 1.32
CA GLU B 66 -0.17 6.30 1.43
C GLU B 66 0.49 5.33 2.40
N LEU B 67 1.77 5.55 2.74
CA LEU B 67 2.42 4.71 3.74
C LEU B 67 2.04 5.12 5.15
N ILE B 68 1.80 6.41 5.39
CA ILE B 68 1.34 6.85 6.70
C ILE B 68 -0.07 6.34 6.94
N GLN B 69 -0.93 6.44 5.92
CA GLN B 69 -2.26 5.83 5.99
C GLN B 69 -2.16 4.32 6.17
N ASP B 70 -1.12 3.70 5.60
CA ASP B 70 -0.96 2.25 5.67
C ASP B 70 -0.58 1.80 7.08
N ILE B 71 0.16 2.63 7.83
CA ILE B 71 0.60 2.23 9.16
C ILE B 71 -0.49 2.42 10.20
N TYR B 72 -1.26 3.51 10.09
CA TYR B 72 -2.30 3.79 11.07
C TYR B 72 -3.33 2.68 11.13
N CYS B 73 -3.80 2.21 9.98
CA CYS B 73 -4.80 1.15 9.92
C CYS B 73 -4.21 -0.24 10.13
N ASP B 74 -2.96 -0.33 10.60
CA ASP B 74 -2.30 -1.61 10.84
C ASP B 74 -1.78 -1.63 12.28
N PRO B 75 -2.66 -1.81 13.26
CA PRO B 75 -2.22 -1.87 14.66
C PRO B 75 -1.60 -3.20 15.04
N ASP B 76 -1.68 -4.22 14.18
CA ASP B 76 -1.16 -5.53 14.53
C ASP B 76 0.37 -5.53 14.56
N HIS B 77 1.01 -4.84 13.61
CA HIS B 77 2.46 -4.80 13.53
C HIS B 77 3.05 -3.51 14.08
N PHE B 78 2.23 -2.52 14.41
CA PHE B 78 2.68 -1.26 15.00
C PHE B 78 1.87 -0.99 16.25
N SER B 79 2.41 -1.36 17.40
CA SER B 79 1.70 -1.23 18.67
C SER B 79 1.74 0.20 19.16
N SER B 80 0.74 0.55 19.97
CA SER B 80 0.62 1.87 20.58
C SER B 80 1.20 1.92 21.99
N HIS B 81 1.86 0.84 22.45
CA HIS B 81 2.39 0.80 23.80
C HIS B 81 3.44 1.87 24.06
N VAL B 82 4.06 2.39 23.00
CA VAL B 82 4.98 3.53 23.11
C VAL B 82 4.62 4.47 21.96
N ILE B 83 4.08 5.64 22.29
CA ILE B 83 3.63 6.60 21.29
C ILE B 83 4.50 7.84 21.21
N PHE B 84 5.36 8.09 22.19
CA PHE B 84 6.21 9.26 22.20
C PHE B 84 7.63 8.92 21.77
N ILE B 85 8.37 9.96 21.40
CA ILE B 85 9.78 9.84 21.01
C ILE B 85 10.59 10.76 21.90
N PRO B 86 11.70 10.30 22.50
CA PRO B 86 12.37 9.00 22.35
C PRO B 86 11.59 7.78 22.81
N LYS B 87 11.58 7.45 24.11
CA LYS B 87 10.96 6.23 24.58
C LYS B 87 10.20 6.50 25.87
N ALA B 88 8.96 6.01 25.93
CA ALA B 88 8.10 6.21 27.10
C ALA B 88 8.24 5.06 28.06
N GLU B 91 5.27 4.89 29.78
CA GLU B 91 6.12 4.94 30.97
C GLU B 91 5.29 4.82 32.25
N LYS B 92 4.52 3.73 32.36
CA LYS B 92 3.63 3.50 33.49
C LYS B 92 2.58 4.59 33.58
N TYR B 93 3.02 5.84 33.71
CA TYR B 93 2.11 6.98 33.67
C TYR B 93 1.65 7.13 32.24
N ALA B 94 0.50 6.53 31.91
CA ALA B 94 0.06 6.41 30.53
C ALA B 94 -1.33 7.00 30.34
N MET B 95 -1.51 7.68 29.21
CA MET B 95 -2.83 8.14 28.83
C MET B 95 -3.57 7.00 28.13
N VAL B 96 -4.89 6.97 28.31
CA VAL B 96 -5.69 5.90 27.73
C VAL B 96 -6.82 6.52 26.92
N PRO B 97 -7.20 5.90 25.79
CA PRO B 97 -6.64 4.68 25.22
C PRO B 97 -5.55 4.94 24.18
N SER B 98 -4.80 6.04 24.32
CA SER B 98 -3.77 6.36 23.33
C SER B 98 -2.63 5.34 23.37
N LYS B 99 -2.26 4.88 24.56
CA LYS B 99 -1.19 3.91 24.72
C LYS B 99 -1.71 2.48 24.81
N MET B 100 -2.92 2.24 24.33
CA MET B 100 -3.55 0.93 24.35
C MET B 100 -3.78 0.44 22.93
N ASP B 101 -3.85 -0.88 22.79
CA ASP B 101 -4.06 -1.54 21.50
C ASP B 101 -5.24 -2.48 21.58
N PRO B 102 -5.93 -2.72 20.46
CA PRO B 102 -7.07 -3.63 20.46
C PRO B 102 -6.63 -5.05 20.75
N PRO B 103 -7.52 -5.91 21.28
CA PRO B 103 -8.92 -5.65 21.63
C PRO B 103 -9.10 -4.91 22.96
N GLU B 104 -8.01 -4.56 23.64
CA GLU B 104 -8.15 -3.80 24.89
C GLU B 104 -8.63 -2.38 24.64
N HIS B 105 -8.34 -1.84 23.45
CA HIS B 105 -8.71 -0.46 23.14
C HIS B 105 -10.21 -0.30 22.95
N ARG B 106 -10.91 -1.36 22.59
CA ARG B 106 -12.34 -1.23 22.25
C ARG B 106 -13.19 -0.69 23.39
N PRO B 107 -13.17 -1.25 24.61
CA PRO B 107 -14.07 -0.73 25.65
C PRO B 107 -13.72 0.70 26.08
N TYR B 108 -12.44 1.07 26.07
CA TYR B 108 -12.05 2.41 26.51
C TYR B 108 -12.30 3.47 25.45
N ARG B 109 -12.34 3.09 24.17
CA ARG B 109 -12.72 4.04 23.14
C ARG B 109 -14.20 4.42 23.24
N GLU B 110 -15.05 3.47 23.66
CA GLU B 110 -16.46 3.77 23.81
C GLU B 110 -16.75 4.74 24.95
N VAL B 111 -15.85 4.85 25.93
CA VAL B 111 -16.08 5.75 27.05
C VAL B 111 -15.87 7.21 26.64
N VAL B 112 -14.79 7.49 25.90
CA VAL B 112 -14.56 8.86 25.47
C VAL B 112 -15.60 9.28 24.44
N ASP B 113 -16.12 8.35 23.66
CA ASP B 113 -17.16 8.66 22.68
C ASP B 113 -18.52 8.94 23.32
N LYS B 114 -18.66 8.75 24.63
CA LYS B 114 -19.94 9.02 25.28
C LYS B 114 -20.26 10.51 25.30
N GLY B 115 -19.24 11.36 25.32
CA GLY B 115 -19.45 12.80 25.35
C GLY B 115 -18.91 13.53 24.14
N LEU B 116 -18.22 12.81 23.25
CA LEU B 116 -17.60 13.42 22.08
C LEU B 116 -18.14 12.87 20.76
N ASN B 117 -19.23 12.10 20.78
CA ASN B 117 -19.81 11.59 19.55
C ASN B 117 -20.55 12.73 18.84
N LEU B 118 -21.26 12.39 17.76
CA LEU B 118 -21.91 13.42 16.97
C LEU B 118 -23.06 14.08 17.74
N ARG B 119 -23.87 13.28 18.44
CA ARG B 119 -25.02 13.84 19.14
C ARG B 119 -24.59 14.73 20.30
N ALA B 120 -23.56 14.33 21.03
CA ALA B 120 -23.10 15.15 22.15
C ALA B 120 -22.46 16.44 21.68
N ILE B 121 -21.78 16.41 20.53
CA ILE B 121 -21.25 17.65 19.97
C ILE B 121 -22.36 18.48 19.37
N ARG B 122 -23.40 17.83 18.82
CA ARG B 122 -24.51 18.57 18.25
C ARG B 122 -25.38 19.21 19.32
N GLU B 123 -25.56 18.53 20.47
CA GLU B 123 -26.35 19.11 21.54
C GLU B 123 -25.68 20.32 22.17
N ARG B 124 -24.41 20.57 21.86
CA ARG B 124 -23.71 21.76 22.30
C ARG B 124 -23.56 22.80 21.20
N GLU B 125 -24.11 22.54 20.02
CA GLU B 125 -23.94 23.46 18.90
C GLU B 125 -24.49 24.86 19.17
N PRO B 126 -25.71 25.04 19.71
CA PRO B 126 -26.16 26.40 20.02
C PRO B 126 -25.32 27.07 21.09
N ALA B 127 -24.65 26.31 21.95
CA ALA B 127 -23.77 26.90 22.96
C ALA B 127 -22.39 27.20 22.41
N VAL B 128 -21.93 26.42 21.42
CA VAL B 128 -20.63 26.67 20.82
C VAL B 128 -20.68 27.93 19.96
N ARG B 129 -21.69 28.04 19.09
CA ARG B 129 -21.83 29.23 18.26
C ARG B 129 -22.14 30.48 19.08
N ALA B 130 -22.73 30.32 20.27
CA ALA B 130 -22.97 31.48 21.13
C ALA B 130 -21.65 32.10 21.59
N HIS B 131 -20.65 31.27 21.87
CA HIS B 131 -19.33 31.80 22.21
C HIS B 131 -18.69 32.49 21.01
N ALA B 132 -18.77 31.88 19.84
CA ALA B 132 -18.18 32.49 18.64
C ALA B 132 -18.86 33.82 18.31
N ILE B 133 -20.17 33.91 18.53
CA ILE B 133 -20.88 35.15 18.25
C ILE B 133 -20.45 36.24 19.23
N ALA B 134 -20.41 35.92 20.52
CA ALA B 134 -20.03 36.90 21.53
C ALA B 134 -18.58 37.32 21.40
N LEU B 135 -17.72 36.48 20.82
CA LEU B 135 -16.32 36.83 20.68
C LEU B 135 -16.05 37.68 19.44
N ILE B 136 -16.81 37.48 18.36
CA ILE B 136 -16.55 38.20 17.12
C ILE B 136 -17.07 39.62 17.20
N GLU B 137 -18.31 39.80 17.68
CA GLU B 137 -18.90 41.14 17.72
C GLU B 137 -18.21 42.08 18.70
N ALA B 138 -17.28 41.57 19.51
CA ALA B 138 -16.54 42.44 20.42
C ALA B 138 -15.43 43.21 19.72
N PHE B 139 -15.01 42.80 18.52
CA PHE B 139 -13.98 43.53 17.80
C PHE B 139 -14.27 43.72 16.32
N ALA B 140 -15.41 43.23 15.81
CA ALA B 140 -15.70 43.35 14.39
C ALA B 140 -15.88 44.80 13.96
N ASP B 141 -16.16 45.70 14.90
CA ASP B 141 -16.36 47.11 14.53
C ASP B 141 -15.06 47.89 14.43
N LYS B 142 -14.03 47.52 15.20
CA LYS B 142 -12.80 48.30 15.22
C LYS B 142 -11.88 48.00 14.03
N GLY B 143 -12.20 47.00 13.20
CA GLY B 143 -11.47 46.76 11.98
C GLY B 143 -10.18 45.97 12.10
N HIS B 144 -9.70 45.70 13.31
CA HIS B 144 -8.48 44.91 13.46
C HIS B 144 -8.57 44.10 14.74
N CYS B 145 -7.65 43.16 14.89
CA CYS B 145 -7.64 42.29 16.07
C CYS B 145 -6.33 41.50 16.09
N ASP B 146 -5.93 41.12 17.29
CA ASP B 146 -4.87 40.12 17.47
C ASP B 146 -5.57 38.77 17.55
N PHE B 147 -5.65 38.09 16.40
CA PHE B 147 -6.47 36.89 16.29
C PHE B 147 -6.04 35.80 17.26
N VAL B 148 -4.75 35.74 17.60
CA VAL B 148 -4.29 34.66 18.49
C VAL B 148 -4.71 34.91 19.93
N GLU B 149 -4.78 36.17 20.35
CA GLU B 149 -5.12 36.50 21.74
C GLU B 149 -6.51 37.07 21.90
N GLU B 150 -7.29 37.16 20.84
CA GLU B 150 -8.64 37.71 20.92
C GLU B 150 -9.71 36.77 20.40
N PHE B 151 -9.34 35.57 19.94
CA PHE B 151 -10.32 34.59 19.49
C PHE B 151 -9.79 33.17 19.54
N SER B 152 -8.80 32.86 18.70
CA SER B 152 -8.30 31.49 18.62
C SER B 152 -7.66 31.04 19.91
N GLY B 153 -7.16 31.96 20.72
CA GLY B 153 -6.63 31.61 22.03
C GLY B 153 -7.65 31.78 23.12
N GLU B 154 -8.93 31.85 22.73
CA GLU B 154 -10.01 32.07 23.68
C GLU B 154 -11.20 31.19 23.35
N PHE B 155 -11.62 31.19 22.09
CA PHE B 155 -12.80 30.44 21.69
C PHE B 155 -12.67 28.93 21.88
N PRO B 156 -11.62 28.26 21.40
CA PRO B 156 -11.55 26.80 21.61
C PRO B 156 -11.39 26.41 23.07
N ILE B 157 -10.69 27.21 23.86
CA ILE B 157 -10.55 26.91 25.29
C ILE B 157 -11.91 27.08 25.98
N ARG B 158 -12.59 28.18 25.70
CA ARG B 158 -13.88 28.45 26.33
C ARG B 158 -14.90 27.36 26.01
N VAL B 159 -14.78 26.73 24.85
CA VAL B 159 -15.72 25.68 24.48
C VAL B 159 -15.43 24.41 25.27
N PHE B 160 -14.16 24.01 25.33
CA PHE B 160 -13.82 22.75 25.99
C PHE B 160 -13.94 22.84 27.51
N MET B 161 -13.64 24.01 28.08
CA MET B 161 -13.81 24.17 29.53
C MET B 161 -15.28 24.16 29.91
N MET B 162 -16.14 24.74 29.05
CA MET B 162 -17.57 24.66 29.29
C MET B 162 -18.06 23.21 29.22
N MET B 163 -17.41 22.39 28.38
CA MET B 163 -17.76 20.99 28.28
C MET B 163 -17.23 20.16 29.44
N ALA B 164 -16.17 20.63 30.10
CA ALA B 164 -15.58 19.92 31.23
C ALA B 164 -15.86 20.61 32.57
N ASP B 165 -16.65 21.68 32.55
CA ASP B 165 -17.08 22.39 33.76
C ASP B 165 -15.90 22.70 34.69
N LEU B 166 -14.85 23.26 34.12
CA LEU B 166 -13.67 23.69 34.84
C LEU B 166 -13.52 25.21 34.72
N PRO B 167 -12.81 25.84 35.64
CA PRO B 167 -12.70 27.31 35.60
C PRO B 167 -11.74 27.78 34.52
N MET B 168 -12.10 28.90 33.88
CA MET B 168 -11.29 29.44 32.79
C MET B 168 -9.97 30.01 33.28
N GLU B 169 -9.82 30.25 34.58
CA GLU B 169 -8.61 30.85 35.12
C GLU B 169 -7.55 29.79 35.44
N ASP B 170 -7.91 28.51 35.26
CA ASP B 170 -7.06 27.37 35.55
C ASP B 170 -6.37 26.83 34.31
N SER B 171 -6.71 27.33 33.12
CA SER B 171 -6.16 26.88 31.85
C SER B 171 -4.74 27.38 31.60
N PRO B 172 -4.39 28.64 31.94
CA PRO B 172 -2.97 29.01 31.85
C PRO B 172 -2.07 28.09 32.66
N LYS B 173 -2.58 27.51 33.74
CA LYS B 173 -1.84 26.47 34.45
C LYS B 173 -1.78 25.19 33.64
N LEU B 174 -2.81 24.89 32.86
CA LEU B 174 -2.85 23.65 32.12
C LEU B 174 -2.24 23.75 30.73
N ARG B 175 -2.08 24.97 30.19
CA ARG B 175 -1.48 25.08 28.87
C ARG B 175 0.02 24.84 28.89
N ALA B 176 0.68 25.11 30.01
CA ALA B 176 2.10 24.75 30.11
C ALA B 176 2.27 23.26 30.35
N PHE B 177 1.28 22.60 30.93
CA PHE B 177 1.32 21.15 31.05
C PHE B 177 1.27 20.49 29.68
N ALA B 178 0.41 20.99 28.79
CA ALA B 178 0.34 20.47 27.43
C ALA B 178 1.60 20.80 26.63
N ALA B 179 2.25 21.93 26.93
CA ALA B 179 3.50 22.27 26.25
C ALA B 179 4.60 21.29 26.61
N GLY B 180 4.54 20.70 27.81
CA GLY B 180 5.52 19.69 28.18
C GLY B 180 5.29 18.34 27.53
N MET B 181 4.07 18.07 27.09
CA MET B 181 3.77 16.81 26.41
C MET B 181 3.88 16.90 24.90
N THR B 182 3.85 18.11 24.34
CA THR B 182 3.94 18.30 22.90
C THR B 182 5.16 19.08 22.44
N ARG B 183 5.92 19.69 23.36
CA ARG B 183 7.14 20.41 22.99
C ARG B 183 8.10 20.38 24.18
N PRO B 184 8.70 19.22 24.48
CA PRO B 184 9.63 19.15 25.60
C PRO B 184 11.08 19.24 25.15
N GLU B 185 11.50 20.41 24.69
CA GLU B 185 12.85 20.56 24.18
C GLU B 185 13.88 20.43 25.30
N GLY B 186 14.90 19.62 25.05
CA GLY B 186 15.97 19.39 26.01
C GLY B 186 17.14 18.70 25.34
N ASN B 187 16.88 18.14 24.16
CA ASN B 187 17.87 17.55 23.27
C ASN B 187 18.49 16.27 23.81
N THR B 188 18.63 16.14 25.14
CA THR B 188 19.16 14.89 25.65
C THR B 188 18.01 13.93 25.94
N PRO B 189 18.05 12.70 25.42
CA PRO B 189 16.92 11.77 25.63
C PRO B 189 16.68 11.41 27.09
N THR B 190 17.72 11.43 27.93
CA THR B 190 17.53 11.04 29.33
C THR B 190 16.73 12.08 30.09
N GLU B 191 17.08 13.36 29.95
CA GLU B 191 16.37 14.41 30.66
C GLU B 191 15.06 14.80 29.96
N MET B 192 14.99 14.63 28.64
CA MET B 192 13.76 14.93 27.92
C MET B 192 12.61 14.03 28.40
N ALA B 193 12.90 12.76 28.66
CA ALA B 193 11.89 11.87 29.19
C ALA B 193 11.55 12.22 30.63
N ASP B 194 12.56 12.51 31.45
CA ASP B 194 12.31 12.87 32.84
C ASP B 194 11.61 14.21 32.97
N ALA B 195 11.85 15.13 32.02
CA ALA B 195 11.11 16.39 32.02
C ALA B 195 9.66 16.17 31.60
N LEU B 196 9.44 15.31 30.61
CA LEU B 196 8.08 14.95 30.22
C LEU B 196 7.43 14.05 31.28
N ASP B 197 8.24 13.30 32.03
CA ASP B 197 7.70 12.46 33.10
C ASP B 197 7.02 13.31 34.16
N ARG B 198 7.73 14.31 34.69
CA ARG B 198 7.12 15.20 35.67
C ARG B 198 6.08 16.10 35.02
N ALA B 199 6.22 16.39 33.71
CA ALA B 199 5.16 17.09 33.01
C ALA B 199 3.88 16.27 32.96
N ASN B 200 3.99 14.96 33.15
CA ASN B 200 2.83 14.07 33.21
C ASN B 200 2.33 13.92 34.64
N ARG B 201 3.25 13.84 35.62
CA ARG B 201 2.84 13.68 37.00
C ARG B 201 2.35 14.98 37.60
N SER B 202 2.86 16.13 37.12
CA SER B 202 2.33 17.42 37.55
C SER B 202 0.92 17.64 37.03
N PHE B 203 0.56 16.97 35.93
CA PHE B 203 -0.78 17.04 35.37
C PHE B 203 -1.64 15.85 35.78
N PHE B 204 -1.04 14.77 36.28
CA PHE B 204 -1.80 13.73 36.96
C PHE B 204 -2.25 14.18 38.35
N ASP B 205 -1.47 15.06 38.99
CA ASP B 205 -1.84 15.58 40.30
C ASP B 205 -2.96 16.60 40.23
N TYR B 206 -3.15 17.24 39.06
CA TYR B 206 -4.25 18.19 38.91
C TYR B 206 -5.58 17.49 38.69
N VAL B 207 -5.59 16.35 38.01
CA VAL B 207 -6.84 15.64 37.72
C VAL B 207 -7.26 14.72 38.84
N SER B 208 -6.38 14.46 39.83
CA SER B 208 -6.77 13.57 40.92
C SER B 208 -7.88 14.15 41.79
N PRO B 209 -7.85 15.42 42.21
CA PRO B 209 -8.94 15.93 43.05
C PRO B 209 -10.23 16.25 42.30
N ILE B 210 -10.29 16.03 40.99
CA ILE B 210 -11.49 16.31 40.23
C ILE B 210 -12.24 15.04 39.82
N ILE B 211 -11.55 13.92 39.65
CA ILE B 211 -12.23 12.70 39.23
C ILE B 211 -13.03 12.10 40.39
N ASP B 212 -12.62 12.37 41.63
CA ASP B 212 -13.34 11.83 42.77
C ASP B 212 -14.53 12.70 43.16
N ALA B 213 -14.42 14.01 42.97
CA ALA B 213 -15.51 14.93 43.29
C ALA B 213 -16.64 14.90 42.26
N ARG B 214 -16.49 14.15 41.17
CA ARG B 214 -17.49 14.12 40.11
C ARG B 214 -18.12 12.75 39.91
N MET B 215 -17.98 11.84 40.87
CA MET B 215 -18.55 10.50 40.69
C MET B 215 -20.02 10.44 41.05
N GLY B 216 -20.63 11.57 41.38
CA GLY B 216 -22.02 11.63 41.77
C GLY B 216 -22.87 12.33 40.72
N THR B 220 -24.03 16.48 34.07
CA THR B 220 -24.19 16.72 32.65
C THR B 220 -22.85 17.01 31.99
N ASP B 221 -21.78 16.86 32.76
CA ASP B 221 -20.44 17.11 32.27
C ASP B 221 -19.98 15.97 31.35
N ILE B 222 -19.03 16.29 30.47
CA ILE B 222 -18.45 15.25 29.63
C ILE B 222 -17.44 14.42 30.41
N LEU B 223 -16.81 15.00 31.43
CA LEU B 223 -15.92 14.23 32.28
C LEU B 223 -16.68 13.44 33.32
N THR B 224 -17.82 13.96 33.78
CA THR B 224 -18.67 13.19 34.68
C THR B 224 -19.29 12.01 33.96
N LEU B 225 -19.70 12.20 32.70
CA LEU B 225 -20.25 11.11 31.91
C LEU B 225 -19.21 10.06 31.58
N SER B 226 -17.93 10.42 31.57
CA SER B 226 -16.89 9.44 31.24
C SER B 226 -16.46 8.63 32.46
N ILE B 227 -16.34 9.28 33.62
CA ILE B 227 -15.95 8.53 34.82
C ILE B 227 -17.08 7.65 35.29
N ASN B 228 -18.33 8.07 35.10
CA ASN B 228 -19.50 7.29 35.47
C ASN B 228 -19.82 6.20 34.45
N SER B 229 -19.02 6.08 33.38
CA SER B 229 -19.23 5.01 32.40
C SER B 229 -18.98 3.67 33.07
N GLN B 230 -19.69 2.65 32.59
CA GLN B 230 -19.73 1.35 33.24
C GLN B 230 -18.76 0.34 32.65
N VAL B 231 -18.83 0.13 31.32
CA VAL B 231 -18.06 -0.86 30.55
C VAL B 231 -17.78 -2.13 31.34
N ASN B 232 -18.47 -3.21 30.98
CA ASN B 232 -18.38 -4.49 31.67
C ASN B 232 -18.62 -4.33 33.17
N GLY B 233 -19.69 -3.60 33.51
CA GLY B 233 -20.13 -3.47 34.88
C GLY B 233 -19.23 -2.68 35.81
N ALA B 234 -18.05 -3.21 36.10
CA ALA B 234 -17.16 -2.59 37.08
C ALA B 234 -16.58 -1.28 36.55
N PRO B 235 -16.38 -0.29 37.43
CA PRO B 235 -15.79 0.99 37.01
C PRO B 235 -14.33 0.86 36.61
N MET B 236 -13.71 1.98 36.24
CA MET B 236 -12.33 1.94 35.77
C MET B 236 -11.37 1.75 36.95
N GLU B 237 -10.18 1.24 36.61
CA GLU B 237 -9.15 0.88 37.58
C GLU B 237 -8.43 2.08 38.18
N ARG B 238 -9.04 3.26 38.13
CA ARG B 238 -8.45 4.50 38.66
C ARG B 238 -7.13 4.87 37.98
N GLU B 239 -6.27 3.89 37.72
CA GLU B 239 -5.04 4.16 36.98
C GLU B 239 -5.35 4.50 35.54
N LYS B 240 -6.33 3.81 34.95
CA LYS B 240 -6.80 4.11 33.60
C LYS B 240 -7.90 5.15 33.59
N LEU B 241 -8.45 5.50 34.75
CA LEU B 241 -9.43 6.57 34.82
C LEU B 241 -8.76 7.93 34.95
N LEU B 242 -7.67 8.03 35.71
CA LEU B 242 -6.93 9.27 35.80
C LEU B 242 -6.21 9.59 34.50
N GLY B 243 -5.78 8.56 33.77
CA GLY B 243 -5.10 8.78 32.50
C GLY B 243 -6.04 9.20 31.38
N MET B 244 -7.31 8.79 31.46
CA MET B 244 -8.25 9.13 30.41
C MET B 244 -8.65 10.61 30.48
N VAL B 245 -9.00 11.09 31.68
CA VAL B 245 -9.37 12.49 31.83
C VAL B 245 -8.18 13.39 31.53
N SER B 246 -6.96 12.90 31.75
CA SER B 246 -5.79 13.69 31.41
C SER B 246 -5.58 13.78 29.91
N LEU B 247 -5.97 12.75 29.16
CA LEU B 247 -5.84 12.77 27.71
C LEU B 247 -6.82 13.74 27.08
N LEU B 248 -8.04 13.82 27.62
CA LEU B 248 -9.03 14.73 27.07
C LEU B 248 -8.60 16.19 27.23
N LEU B 249 -8.01 16.53 28.39
CA LEU B 249 -7.55 17.89 28.59
C LEU B 249 -6.33 18.21 27.75
N LEU B 250 -5.55 17.20 27.39
CA LEU B 250 -4.34 17.43 26.59
C LEU B 250 -4.71 17.85 25.16
N ALA B 251 -5.35 16.96 24.42
CA ALA B 251 -5.70 17.25 23.02
C ALA B 251 -6.81 18.28 22.92
N GLY B 252 -7.68 18.35 23.92
CA GLY B 252 -8.80 19.28 23.87
C GLY B 252 -8.44 20.74 24.02
N LEU B 253 -7.21 21.04 24.44
CA LEU B 253 -6.81 22.42 24.69
C LEU B 253 -5.65 22.90 23.82
N ASP B 254 -4.98 22.02 23.10
CA ASP B 254 -3.80 22.38 22.33
C ASP B 254 -3.92 22.12 20.84
N THR B 255 -4.62 21.07 20.43
CA THR B 255 -4.68 20.67 19.04
C THR B 255 -5.69 21.46 18.21
N VAL B 256 -6.39 22.43 18.81
CA VAL B 256 -7.42 23.15 18.09
C VAL B 256 -7.10 24.65 18.06
N THR B 257 -6.48 25.15 19.14
CA THR B 257 -6.08 26.54 19.18
C THR B 257 -5.05 26.86 18.10
N ASN B 258 -4.22 25.88 17.74
CA ASN B 258 -3.23 26.10 16.70
C ASN B 258 -3.83 25.95 15.29
N PHE B 259 -4.86 25.13 15.14
CA PHE B 259 -5.44 24.94 13.82
C PHE B 259 -6.15 26.20 13.34
N LEU B 260 -6.84 26.90 14.25
CA LEU B 260 -7.53 28.13 13.85
C LEU B 260 -6.54 29.19 13.42
N ASN B 261 -5.34 29.18 13.99
CA ASN B 261 -4.34 30.18 13.63
C ASN B 261 -3.83 29.95 12.21
N MET B 262 -3.49 28.70 11.88
CA MET B 262 -2.88 28.40 10.59
C MET B 262 -3.87 28.42 9.44
N THR B 263 -5.18 28.47 9.73
CA THR B 263 -6.18 28.58 8.68
C THR B 263 -6.52 30.05 8.39
N MET B 264 -6.79 30.82 9.45
CA MET B 264 -7.11 32.23 9.27
C MET B 264 -5.92 33.02 8.74
N ASP B 265 -4.70 32.56 9.03
CA ASP B 265 -3.53 33.19 8.44
C ASP B 265 -3.45 32.88 6.95
N TYR B 266 -3.84 31.68 6.55
CA TYR B 266 -3.88 31.35 5.13
C TYR B 266 -5.00 32.10 4.42
N LEU B 267 -6.19 32.14 5.03
CA LEU B 267 -7.29 32.88 4.43
C LEU B 267 -7.08 34.38 4.49
N GLY B 268 -6.27 34.87 5.42
CA GLY B 268 -5.95 36.29 5.47
C GLY B 268 -4.96 36.74 4.42
N ARG B 269 -4.18 35.82 3.86
CA ARG B 269 -3.26 36.12 2.78
C ARG B 269 -3.78 35.63 1.43
N HIS B 270 -5.05 35.20 1.38
CA HIS B 270 -5.68 34.78 0.13
C HIS B 270 -7.09 35.34 0.11
N PRO B 271 -7.24 36.61 -0.30
CA PRO B 271 -8.56 37.25 -0.24
C PRO B 271 -9.58 36.66 -1.21
N ASP B 272 -9.15 35.87 -2.21
CA ASP B 272 -10.11 35.28 -3.13
C ASP B 272 -10.69 33.98 -2.60
N LYS B 273 -9.90 33.17 -1.89
CA LYS B 273 -10.42 31.92 -1.34
C LYS B 273 -11.46 32.18 -0.26
N VAL B 274 -11.22 33.19 0.57
CA VAL B 274 -12.22 33.55 1.57
C VAL B 274 -13.43 34.21 0.92
N ARG B 275 -13.22 34.93 -0.17
CA ARG B 275 -14.34 35.55 -0.87
C ARG B 275 -15.19 34.48 -1.58
N GLU B 276 -14.60 33.35 -1.94
CA GLU B 276 -15.37 32.26 -2.52
C GLU B 276 -16.33 31.67 -1.50
N LEU B 277 -15.97 31.71 -0.22
CA LEU B 277 -16.83 31.19 0.84
C LEU B 277 -17.90 32.20 1.25
N THR B 278 -17.61 33.50 1.11
CA THR B 278 -18.60 34.52 1.45
C THR B 278 -19.79 34.50 0.50
N GLU B 279 -19.55 34.19 -0.78
CA GLU B 279 -20.66 34.11 -1.72
C GLU B 279 -21.58 32.94 -1.41
N ASN B 280 -21.02 31.73 -1.31
CA ASN B 280 -21.80 30.54 -1.00
C ASN B 280 -21.50 30.08 0.42
N PRO B 281 -22.29 30.49 1.42
CA PRO B 281 -22.01 30.07 2.79
C PRO B 281 -22.30 28.60 3.04
N THR B 282 -23.11 27.96 2.19
CA THR B 282 -23.39 26.54 2.34
C THR B 282 -22.23 25.67 1.89
N GLU B 283 -21.27 26.23 1.15
CA GLU B 283 -20.06 25.51 0.79
C GLU B 283 -19.13 25.33 1.98
N ILE B 284 -19.37 26.05 3.07
CA ILE B 284 -18.55 25.92 4.27
C ILE B 284 -18.63 24.50 4.83
N ARG B 285 -19.85 24.07 5.16
CA ARG B 285 -20.02 22.76 5.80
C ARG B 285 -19.53 21.63 4.90
N ARG B 286 -19.82 21.70 3.61
CA ARG B 286 -19.42 20.64 2.69
C ARG B 286 -17.94 20.67 2.35
N GLY B 287 -17.22 21.73 2.74
CA GLY B 287 -15.79 21.81 2.46
C GLY B 287 -14.94 22.09 3.68
N VAL B 288 -15.30 21.48 4.81
CA VAL B 288 -14.53 21.69 6.04
C VAL B 288 -13.23 20.89 6.02
N GLU B 289 -13.30 19.63 5.58
CA GLU B 289 -12.13 18.76 5.64
C GLU B 289 -11.05 19.14 4.62
N GLU B 290 -11.35 20.05 3.69
CA GLU B 290 -10.29 20.58 2.83
C GLU B 290 -9.29 21.38 3.65
N LEU B 291 -9.76 22.09 4.67
CA LEU B 291 -8.85 22.81 5.57
C LEU B 291 -8.04 21.83 6.42
N PHE B 292 -8.66 20.73 6.85
CA PHE B 292 -7.94 19.73 7.63
C PHE B 292 -6.86 19.04 6.81
N ARG B 293 -7.10 18.85 5.50
CA ARG B 293 -6.09 18.25 4.64
C ARG B 293 -4.90 19.19 4.46
N ARG B 294 -5.17 20.49 4.33
CA ARG B 294 -4.10 21.45 4.06
C ARG B 294 -3.28 21.78 5.31
N PHE B 295 -3.88 21.66 6.50
CA PHE B 295 -3.25 22.11 7.75
C PHE B 295 -3.24 21.01 8.79
N PRO B 296 -2.33 20.04 8.68
CA PRO B 296 -2.14 19.07 9.76
C PRO B 296 -1.07 19.52 10.75
N LEU B 297 -1.28 19.15 12.02
CA LEU B 297 -0.41 19.61 13.10
C LEU B 297 0.13 18.51 13.99
N VAL B 298 -0.43 17.32 13.97
CA VAL B 298 -0.01 16.25 14.86
C VAL B 298 1.08 15.42 14.17
N ALA B 299 2.02 14.91 14.99
CA ALA B 299 3.10 14.05 14.51
C ALA B 299 3.27 12.89 15.50
N ALA B 300 2.32 11.97 15.48
CA ALA B 300 2.33 10.82 16.39
C ALA B 300 3.37 9.79 15.95
N ALA B 301 3.71 8.91 16.87
CA ALA B 301 4.68 7.85 16.63
C ALA B 301 4.13 6.50 17.04
N ARG B 302 4.76 5.44 16.54
CA ARG B 302 4.37 4.07 16.84
C ARG B 302 5.62 3.23 17.07
N MET B 303 5.47 2.17 17.87
CA MET B 303 6.51 1.20 18.12
C MET B 303 6.20 -0.09 17.36
N VAL B 304 7.18 -0.58 16.61
CA VAL B 304 7.00 -1.80 15.84
C VAL B 304 6.88 -2.99 16.78
N ALA B 305 5.87 -3.83 16.55
CA ALA B 305 5.63 -4.99 17.41
C ALA B 305 6.49 -6.18 16.99
N HIS B 306 6.27 -6.68 15.78
CA HIS B 306 7.04 -7.79 15.24
C HIS B 306 7.89 -7.30 14.06
N ASP B 307 8.90 -8.10 13.74
CA ASP B 307 9.78 -7.79 12.62
C ASP B 307 9.02 -7.80 11.31
N VAL B 308 8.94 -6.64 10.65
CA VAL B 308 8.21 -6.48 9.41
C VAL B 308 9.11 -5.78 8.39
N GLU B 309 8.85 -6.04 7.12
CA GLU B 309 9.60 -5.44 6.02
C GLU B 309 8.63 -4.57 5.22
N ARG B 310 8.77 -3.25 5.34
CA ARG B 310 7.94 -2.29 4.62
C ARG B 310 8.83 -1.35 3.83
N ASP B 311 8.50 -1.17 2.55
CA ASP B 311 9.22 -0.25 1.67
C ASP B 311 10.69 -0.66 1.52
N GLY B 312 10.91 -1.96 1.30
CA GLY B 312 12.24 -2.47 1.02
C GLY B 312 13.23 -2.41 2.17
N VAL B 313 12.77 -2.15 3.38
CA VAL B 313 13.65 -2.13 4.55
C VAL B 313 12.99 -2.91 5.68
N GLU B 314 13.81 -3.59 6.47
CA GLU B 314 13.34 -4.40 7.58
C GLU B 314 13.34 -3.59 8.86
N LEU B 315 12.20 -3.59 9.56
CA LEU B 315 12.06 -2.89 10.84
C LEU B 315 12.12 -3.91 11.98
N LYS B 316 13.11 -3.76 12.85
CA LYS B 316 13.29 -4.68 13.96
C LYS B 316 12.45 -4.25 15.16
N GLN B 317 11.95 -5.24 15.88
CA GLN B 317 11.07 -4.98 17.02
C GLN B 317 11.76 -4.12 18.07
N GLY B 318 11.03 -3.12 18.58
CA GLY B 318 11.52 -2.22 19.59
C GLY B 318 11.85 -0.83 19.11
N GLU B 319 11.90 -0.61 17.80
CA GLU B 319 12.23 0.71 17.27
C GLU B 319 10.98 1.59 17.20
N MET B 320 11.22 2.89 17.03
CA MET B 320 10.16 3.89 16.94
C MET B 320 10.05 4.40 15.51
N VAL B 321 8.82 4.56 15.05
CA VAL B 321 8.53 5.11 13.72
C VAL B 321 7.65 6.33 13.92
N LEU B 322 8.10 7.48 13.40
CA LEU B 322 7.33 8.72 13.50
C LEU B 322 6.38 8.85 12.32
N LEU B 323 5.17 9.34 12.60
CA LEU B 323 4.13 9.50 11.59
C LEU B 323 3.74 10.97 11.50
N PRO B 324 4.53 11.80 10.80
CA PRO B 324 4.13 13.19 10.59
C PRO B 324 2.93 13.31 9.67
N THR B 325 1.75 13.58 10.25
CA THR B 325 0.52 13.66 9.45
C THR B 325 0.53 14.81 8.46
N ALA B 326 1.48 15.75 8.58
CA ALA B 326 1.59 16.82 7.59
C ALA B 326 2.04 16.31 6.24
N LEU B 327 2.67 15.13 6.18
CA LEU B 327 3.19 14.57 4.94
C LEU B 327 2.18 13.68 4.23
N HIS B 328 0.92 13.70 4.64
CA HIS B 328 -0.13 12.96 3.97
C HIS B 328 -1.00 13.87 3.09
N GLY B 329 -1.56 14.93 3.67
CA GLY B 329 -2.37 15.85 2.89
C GLY B 329 -1.57 16.70 1.93
N LEU B 330 -0.33 17.02 2.29
CA LEU B 330 0.56 17.80 1.43
C LEU B 330 1.46 16.92 0.57
N ASP B 331 1.08 15.66 0.36
CA ASP B 331 1.87 14.76 -0.46
C ASP B 331 1.42 14.88 -1.91
N PRO B 332 2.28 15.33 -2.84
CA PRO B 332 1.86 15.46 -4.24
C PRO B 332 1.58 14.13 -4.92
N ARG B 333 2.06 13.02 -4.37
CA ARG B 333 1.82 11.72 -4.99
C ARG B 333 0.38 11.25 -4.81
N VAL B 334 -0.36 11.84 -3.87
CA VAL B 334 -1.73 11.44 -3.59
C VAL B 334 -2.72 12.55 -3.94
N ASN B 335 -2.40 13.79 -3.60
CA ASN B 335 -3.30 14.93 -3.83
C ASN B 335 -2.69 15.84 -4.89
N ALA B 336 -3.40 15.99 -6.01
CA ALA B 336 -2.96 16.87 -7.07
C ALA B 336 -3.00 18.32 -6.59
N ASP B 337 -1.86 19.03 -6.72
CA ASP B 337 -1.69 20.39 -6.24
C ASP B 337 -2.01 20.45 -4.75
N PRO B 338 -1.14 19.93 -3.88
CA PRO B 338 -1.48 19.84 -2.46
C PRO B 338 -1.45 21.16 -1.71
N TRP B 339 -0.78 22.19 -2.24
CA TRP B 339 -0.74 23.47 -1.53
C TRP B 339 -2.01 24.29 -1.75
N GLU B 340 -2.54 24.32 -2.96
CA GLU B 340 -3.76 25.06 -3.22
C GLU B 340 -4.97 24.33 -2.63
N VAL B 341 -5.91 25.11 -2.14
CA VAL B 341 -7.14 24.58 -1.54
C VAL B 341 -8.23 24.60 -2.61
N ASP B 342 -8.63 23.41 -3.06
CA ASP B 342 -9.69 23.26 -4.04
C ASP B 342 -10.93 22.83 -3.28
N PHE B 343 -11.83 23.78 -3.00
CA PHE B 343 -13.04 23.47 -2.26
C PHE B 343 -13.97 22.54 -3.04
N GLN B 344 -13.84 22.48 -4.36
CA GLN B 344 -14.68 21.61 -5.17
C GLN B 344 -14.00 20.30 -5.53
N ARG B 345 -12.84 20.01 -4.97
CA ARG B 345 -12.19 18.72 -5.22
C ARG B 345 -12.98 17.61 -4.56
N LYS B 346 -13.02 16.45 -5.22
CA LYS B 346 -13.93 15.39 -4.78
C LYS B 346 -13.32 14.55 -3.66
N ARG B 347 -12.05 14.16 -3.78
CA ARG B 347 -11.41 13.23 -2.85
C ARG B 347 -10.15 13.84 -2.25
N PRO B 348 -10.28 14.64 -1.19
CA PRO B 348 -9.10 15.16 -0.45
C PRO B 348 -8.63 14.18 0.63
N ALA B 349 -7.84 13.20 0.21
CA ALA B 349 -7.36 12.17 1.12
C ALA B 349 -6.30 12.76 2.05
N HIS B 350 -6.56 12.69 3.36
CA HIS B 350 -5.64 13.21 4.36
C HIS B 350 -5.59 12.26 5.54
N SER B 351 -4.68 12.55 6.47
CA SER B 351 -4.57 11.82 7.72
C SER B 351 -4.37 12.77 8.90
N THR B 352 -5.00 13.95 8.83
CA THR B 352 -4.86 14.93 9.91
C THR B 352 -5.40 14.39 11.22
N PHE B 353 -6.58 13.77 11.18
CA PHE B 353 -7.17 13.14 12.36
C PHE B 353 -6.75 11.68 12.52
N GLY B 354 -5.64 11.29 11.93
CA GLY B 354 -5.21 9.90 12.00
C GLY B 354 -6.11 8.95 11.23
N ASN B 355 -5.87 7.66 11.43
CA ASN B 355 -6.64 6.61 10.80
C ASN B 355 -6.61 5.37 11.67
N GLY B 356 -7.42 4.39 11.30
CA GLY B 356 -7.51 3.16 12.04
C GLY B 356 -8.34 3.32 13.31
N PRO B 357 -8.07 2.50 14.32
CA PRO B 357 -8.81 2.62 15.58
C PRO B 357 -8.51 3.92 16.31
N HIS B 358 -7.29 4.44 16.19
CA HIS B 358 -6.91 5.71 16.82
C HIS B 358 -7.17 6.86 15.85
N ARG B 359 -8.45 7.12 15.61
CA ARG B 359 -8.83 8.23 14.76
C ARG B 359 -8.84 9.51 15.60
N CYS B 360 -10.01 9.94 16.05
CA CYS B 360 -10.13 11.14 16.86
C CYS B 360 -11.55 11.25 17.41
N ALA B 361 -11.71 10.93 18.70
CA ALA B 361 -13.04 11.02 19.29
C ALA B 361 -13.59 12.45 19.24
N GLY B 362 -12.70 13.44 19.22
CA GLY B 362 -13.13 14.81 19.14
C GLY B 362 -12.95 15.44 17.77
N LEU B 363 -13.09 14.64 16.70
CA LEU B 363 -13.01 15.20 15.36
C LEU B 363 -14.26 15.99 15.02
N HIS B 364 -15.41 15.59 15.56
CA HIS B 364 -16.64 16.32 15.32
C HIS B 364 -16.65 17.66 16.05
N LEU B 365 -16.01 17.73 17.22
CA LEU B 365 -15.85 19.01 17.90
C LEU B 365 -14.89 19.91 17.14
N ALA B 366 -13.82 19.34 16.57
CA ALA B 366 -12.91 20.13 15.75
C ALA B 366 -13.60 20.60 14.47
N ARG B 367 -14.43 19.74 13.88
CA ARG B 367 -15.17 20.12 12.68
C ARG B 367 -16.22 21.18 12.99
N LEU B 368 -16.82 21.13 14.17
CA LEU B 368 -17.85 22.11 14.53
C LEU B 368 -17.25 23.45 14.92
N GLU B 369 -16.13 23.43 15.66
CA GLU B 369 -15.53 24.69 16.08
C GLU B 369 -15.02 25.50 14.90
N THR B 370 -14.52 24.82 13.86
CA THR B 370 -14.06 25.53 12.68
C THR B 370 -15.21 25.98 11.79
N THR B 371 -16.32 25.23 11.78
CA THR B 371 -17.47 25.61 10.97
C THR B 371 -18.19 26.82 11.53
N VAL B 372 -18.37 26.88 12.85
CA VAL B 372 -19.02 28.03 13.47
C VAL B 372 -18.13 29.27 13.48
N MET B 373 -16.83 29.11 13.22
CA MET B 373 -15.97 30.28 13.10
C MET B 373 -16.17 30.97 11.76
N LEU B 374 -15.99 30.23 10.66
CA LEU B 374 -16.16 30.84 9.34
C LEU B 374 -17.59 31.32 9.12
N GLU B 375 -18.57 30.63 9.68
CA GLU B 375 -19.96 31.05 9.47
C GLU B 375 -20.29 32.33 10.21
N GLU B 376 -19.65 32.56 11.36
CA GLU B 376 -19.89 33.78 12.13
C GLU B 376 -18.84 34.85 11.90
N TRP B 377 -17.64 34.48 11.45
CA TRP B 377 -16.64 35.50 11.10
C TRP B 377 -17.01 36.18 9.78
N LEU B 378 -17.52 35.41 8.82
CA LEU B 378 -17.84 35.95 7.51
C LEU B 378 -19.18 36.69 7.49
N LYS B 379 -20.08 36.37 8.43
CA LYS B 379 -21.34 37.11 8.51
C LYS B 379 -21.13 38.54 8.99
N ARG B 380 -20.01 38.82 9.66
CA ARG B 380 -19.69 40.15 10.14
C ARG B 380 -18.44 40.74 9.51
N ILE B 381 -17.45 39.91 9.20
CA ILE B 381 -16.22 40.36 8.55
C ILE B 381 -16.05 39.59 7.25
N PRO B 382 -16.69 40.02 6.15
CA PRO B 382 -16.59 39.26 4.90
C PRO B 382 -15.19 39.32 4.28
N THR B 383 -14.61 40.52 4.21
CA THR B 383 -13.27 40.72 3.67
C THR B 383 -12.32 41.05 4.81
N PHE B 384 -11.17 40.37 4.82
CA PHE B 384 -10.14 40.63 5.82
C PHE B 384 -8.78 40.23 5.25
N ARG B 385 -7.73 40.83 5.83
CA ARG B 385 -6.37 40.59 5.37
C ARG B 385 -5.45 40.49 6.59
N VAL B 386 -4.31 39.83 6.37
CA VAL B 386 -3.26 39.80 7.39
C VAL B 386 -2.45 41.09 7.32
N VAL B 387 -2.03 41.59 8.48
CA VAL B 387 -1.22 42.81 8.51
C VAL B 387 0.06 42.58 7.72
N PRO B 388 0.42 43.46 6.77
CA PRO B 388 1.60 43.23 5.96
C PRO B 388 2.87 43.23 6.80
N GLY B 389 3.85 42.45 6.35
CA GLY B 389 5.09 42.33 7.09
C GLY B 389 5.01 41.49 8.34
N THR B 390 3.92 40.75 8.53
CA THR B 390 3.74 39.91 9.71
C THR B 390 3.44 38.48 9.27
N GLY B 391 3.75 37.54 10.15
CA GLY B 391 3.52 36.14 9.88
C GLY B 391 3.57 35.28 11.13
N PRO B 392 3.13 34.03 11.02
CA PRO B 392 3.11 33.14 12.19
C PRO B 392 4.49 32.59 12.53
N THR B 393 4.60 32.10 13.76
CA THR B 393 5.82 31.48 14.27
C THR B 393 5.58 29.99 14.48
N TYR B 394 6.32 29.16 13.75
CA TYR B 394 6.09 27.71 13.76
C TYR B 394 7.07 27.02 14.69
N HIS B 395 6.54 26.18 15.57
CA HIS B 395 7.34 25.32 16.45
C HIS B 395 6.78 23.91 16.38
N SER B 396 7.64 22.93 16.09
CA SER B 396 7.20 21.57 15.87
C SER B 396 7.16 20.80 17.18
N GLY B 397 6.91 19.50 17.10
CA GLY B 397 6.79 18.63 18.24
C GLY B 397 5.69 17.62 18.01
N VAL B 398 5.15 17.09 19.11
CA VAL B 398 4.00 16.20 19.01
C VAL B 398 2.82 16.93 18.37
N VAL B 399 2.61 18.19 18.76
CA VAL B 399 1.62 19.07 18.17
C VAL B 399 2.32 20.36 17.80
N ALA B 400 2.26 20.74 16.53
CA ALA B 400 2.97 21.92 16.06
C ALA B 400 2.41 23.19 16.70
N SER B 401 3.29 24.00 17.27
CA SER B 401 2.92 25.25 17.91
C SER B 401 3.03 26.38 16.89
N VAL B 402 1.92 27.10 16.68
CA VAL B 402 1.88 28.23 15.75
C VAL B 402 1.33 29.43 16.49
N ASP B 403 1.95 30.59 16.27
CA ASP B 403 1.59 31.80 17.01
C ASP B 403 1.98 33.01 16.18
N GLY B 404 1.17 34.06 16.27
CA GLY B 404 1.47 35.30 15.58
C GLY B 404 0.54 35.57 14.41
N VAL B 405 -0.72 35.87 14.70
CA VAL B 405 -1.71 36.20 13.68
C VAL B 405 -2.28 37.58 14.02
N ARG B 406 -2.18 38.51 13.08
CA ARG B 406 -2.71 39.86 13.22
C ARG B 406 -3.49 40.18 11.96
N LEU B 407 -4.75 40.59 12.12
CA LEU B 407 -5.65 40.78 11.00
C LEU B 407 -6.12 42.23 10.92
N GLU B 408 -6.46 42.66 9.71
CA GLU B 408 -7.02 43.98 9.46
C GLU B 408 -8.12 43.87 8.42
N TRP B 409 -9.08 44.78 8.49
CA TRP B 409 -10.17 44.82 7.52
C TRP B 409 -10.89 46.17 7.56
CHA HEM C . 5.30 -18.05 -9.66
CHB HEM C . 5.59 -16.56 -14.27
CHC HEM C . 7.90 -20.66 -15.45
CHD HEM C . 7.58 -22.18 -10.85
C1A HEM C . 5.18 -17.27 -10.80
C2A HEM C . 4.60 -15.94 -10.89
C3A HEM C . 4.68 -15.54 -12.15
C4A HEM C . 5.32 -16.59 -12.92
CMA HEM C . 4.18 -14.19 -12.71
CAA HEM C . 3.99 -15.13 -9.73
CBA HEM C . 2.71 -15.81 -9.23
CGA HEM C . 2.09 -14.95 -8.16
O1A HEM C . 1.09 -15.40 -7.56
O2A HEM C . 2.60 -13.83 -7.92
C1B HEM C . 6.32 -17.50 -14.98
C2B HEM C . 6.85 -17.34 -16.31
C3B HEM C . 7.48 -18.46 -16.65
C4B HEM C . 7.38 -19.38 -15.53
CMB HEM C . 6.71 -16.09 -17.20
CAB HEM C . 8.19 -18.68 -18.02
CBB HEM C . 8.78 -19.82 -18.36
C1C HEM C . 8.03 -21.43 -14.31
C2C HEM C . 8.70 -22.70 -14.24
C3C HEM C . 8.61 -23.14 -12.98
C4C HEM C . 7.89 -22.14 -12.19
CMC HEM C . 9.38 -23.45 -15.40
CAC HEM C . 9.21 -24.48 -12.51
CBC HEM C . 8.62 -25.17 -11.53
C1D HEM C . 6.95 -21.19 -10.12
C2D HEM C . 6.67 -21.22 -8.70
C3D HEM C . 6.04 -20.09 -8.37
C4D HEM C . 5.90 -19.29 -9.58
CMD HEM C . 7.04 -22.36 -7.73
CAD HEM C . 5.56 -19.69 -6.96
CBD HEM C . 6.68 -19.02 -6.18
CGD HEM C . 6.21 -18.76 -4.78
O1D HEM C . 5.05 -19.14 -4.47
O2D HEM C . 6.98 -18.18 -3.98
NA HEM C . 5.61 -17.64 -12.06
NB HEM C . 6.66 -18.76 -14.53
NC HEM C . 7.56 -21.11 -13.06
ND HEM C . 6.47 -20.00 -10.62
FE HEM C . 6.55 -19.37 -12.58
CHA HEM D . -6.62 11.26 19.13
CHB HEM D . -5.52 14.66 15.83
CHC HEM D . -8.76 17.65 17.85
CHD HEM D . -9.24 14.55 21.55
C1A HEM D . -6.08 11.89 18.02
C2A HEM D . -5.23 11.28 17.01
C3A HEM D . -4.94 12.22 16.11
C4A HEM D . -5.58 13.46 16.50
CMA HEM D . -4.06 12.02 14.85
CAA HEM D . -4.76 9.81 16.99
CBA HEM D . -3.32 9.72 17.48
CGA HEM D . -2.70 8.46 16.93
O1A HEM D . -1.55 8.13 17.33
O2A HEM D . -3.35 7.79 16.08
C1B HEM D . -6.31 15.76 16.08
C2B HEM D . -6.32 16.99 15.31
C3B HEM D . -7.22 17.82 15.86
C4B HEM D . -7.80 17.13 17.01
CMB HEM D . -5.42 17.22 14.08
CAB HEM D . -7.64 19.26 15.46
CBB HEM D . -7.16 19.93 14.40
C1C HEM D . -9.17 17.09 19.05
C2C HEM D . -10.08 17.69 20.00
C3C HEM D . -10.23 16.85 21.04
C4C HEM D . -9.41 15.67 20.77
CMC HEM D . -10.77 19.07 19.86
CAC HEM D . -11.12 17.13 22.26
CBC HEM D . -11.25 16.29 23.30
C1D HEM D . -8.74 13.34 21.12
C2D HEM D . -9.15 12.02 21.57
C3D HEM D . -8.43 11.12 20.91
C4D HEM D . -7.53 11.82 20.00
CMD HEM D . -10.22 11.74 22.63
CAD HEM D . -8.56 9.59 21.10
CBD HEM D . -7.22 8.95 21.46
CGD HEM D . -7.39 7.46 21.48
O1D HEM D . -8.55 6.99 21.45
O2D HEM D . -6.36 6.73 21.54
NA HEM D . -6.27 13.21 17.67
NB HEM D . -7.22 15.89 17.11
NC HEM D . -8.79 15.86 19.55
ND HEM D . -7.76 13.18 20.16
FE HEM D . -7.51 14.52 18.62
#